data_7DD3
#
_entry.id   7DD3
#
loop_
_entity.id
_entity.type
_entity.pdbx_description
1 polymer 'PRP2 isoform 1'
2 polymer 'Pre-mRNA-splicing factor SPP2'
3 polymer pre-mRNA
#
loop_
_entity_poly.entity_id
_entity_poly.type
_entity_poly.pdbx_seq_one_letter_code
_entity_poly.pdbx_strand_id
1 'polypeptide(L)'
;MSSITSETGKRRVKRTYEVTRQNDNAVRIEPSSLGEEEDKEAKDKNSALQLKRSRYDPNKVFSNTNQGPEKNNLKGEQLG
SQKKSSKYDEKITSNNELTTKKGLLGDSENETKYASSNSKFNVEVTHKIKNAKEIDKINRQRMWEEQQLRNAMAGQSDHP
DDITLEGSDKYDYVFDTDAMIDYTNEEDDLLPEEKLQYEARLAQALETEEKRILTIQEARKLLPVHQYKDELLQEIKKNQ
VLIIMGETGSGKTTQLPQYLVEDGFTDQGKLQIAITQPRRVAATSVAARVADEMNVVLGKEVGYQIRFEDKTTPNKTVLK
YMTDGMLLREFLTDSKLSKYSCIMIDEAHERTLATDILIGLLKDILPQRPTLKLLISSATMNAKKFSEFFDNCPIFNVPG
RRYPVDIHYTLQPEANYIHAAITTIFQIHTTQSLPGDILVFLTGQEEIERTKTKLEEIMSKLGSRTKQMIITPIYANLPQ
EQQLKIFQPTPENCRKVVLATNIAETSLTIDGIRYVIDPGFVKENSYVPSTGMTQLLTVPCSRASVDQRAGRAGRVGPGK
CFRIFTKWSYLHELELMPKPEITRTNLSNTVLLLLSLGVTDLIKFPLMDKPSIPTLRKSLENLYILGALNSKGTITRLGK
MMCEFPCEPEFAKVLYTAATHEQCQGVLEECLTIVSMLHETPSLFIGQKRDAAASVLSEVESDHILYLEIFNQWRNSKFS
RSWCQDHKIQFKTMLRVRNIRNQLFRCSEKVGLVEKNDQARMKIGNIAGYINARITRCFISGFPMNIVQLGPTGYQTMGR
SSGGLNVSVHPTSILFVNHKEKAQRPSKYVLYQQLMLTSKEFIRDCLVIPKEEWLIDMVPQIFKDLIDDKTNRGRR
;
x
2 'polypeptide(L)'
;MSKFSLKLGSKTLKKNISKKTKKKNSLQKANLFDWDDAETASLSHKPQSKIKIQSIDKFDLDEESSSKKKLVIKLSENAD
TKKNDAPLVEYVTEKEYNEVPVEEFGDALLRGMGWESDSEQDSKGDKTQSRNKDVSNVSQIHPDGLGIGAKLNKAINVEE
ASFMPVVKIDKITGTKVDDDKKNKS
;
y
3 'polyribonucleotide' UUUUUUUUU G
#
# COMPACT_ATOMS: atom_id res chain seq x y z
N THR A 215 31.11 -18.11 21.50
CA THR A 215 30.56 -16.80 21.80
C THR A 215 29.83 -16.24 20.59
N ILE A 216 29.56 -14.93 20.63
CA ILE A 216 28.95 -14.26 19.49
C ILE A 216 30.00 -14.03 18.40
N GLN A 217 31.20 -13.62 18.80
CA GLN A 217 32.30 -13.47 17.84
C GLN A 217 32.71 -14.79 17.22
N GLU A 218 32.56 -15.89 17.98
CA GLU A 218 32.78 -17.22 17.44
C GLU A 218 31.66 -17.63 16.47
N ALA A 219 30.44 -17.17 16.73
CA ALA A 219 29.29 -17.56 15.92
C ALA A 219 29.18 -16.76 14.62
N ARG A 220 29.79 -15.57 14.58
CA ARG A 220 29.78 -14.79 13.34
C ARG A 220 30.61 -15.44 12.25
N LYS A 221 31.67 -16.17 12.63
CA LYS A 221 32.46 -16.91 11.66
C LYS A 221 31.71 -18.10 11.10
N LEU A 222 30.67 -18.56 11.80
CA LEU A 222 29.87 -19.67 11.31
C LEU A 222 28.97 -19.26 10.14
N LEU A 223 28.66 -17.97 10.02
CA LEU A 223 27.74 -17.53 8.98
C LEU A 223 28.40 -17.58 7.61
N PRO A 224 27.61 -17.83 6.55
CA PRO A 224 28.20 -18.02 5.22
C PRO A 224 28.91 -16.82 4.63
N VAL A 225 28.41 -15.60 4.83
CA VAL A 225 29.01 -14.44 4.17
C VAL A 225 30.35 -14.04 4.76
N HIS A 226 30.73 -14.61 5.91
CA HIS A 226 31.98 -14.20 6.54
C HIS A 226 33.20 -14.75 5.80
N GLN A 227 33.09 -15.95 5.24
CA GLN A 227 34.23 -16.53 4.54
C GLN A 227 34.45 -15.90 3.17
N TYR A 228 33.44 -15.21 2.63
CA TYR A 228 33.57 -14.54 1.34
C TYR A 228 33.96 -13.08 1.50
N LYS A 229 34.31 -12.64 2.70
CA LYS A 229 34.40 -11.21 2.98
C LYS A 229 35.61 -10.58 2.32
N ASP A 230 36.75 -11.28 2.32
CA ASP A 230 38.01 -10.70 1.88
C ASP A 230 38.00 -10.44 0.38
N GLU A 231 37.31 -11.28 -0.39
CA GLU A 231 37.08 -10.97 -1.79
C GLU A 231 36.05 -9.87 -1.95
N LEU A 232 35.10 -9.80 -1.02
CA LEU A 232 33.94 -8.92 -1.20
C LEU A 232 34.28 -7.45 -1.00
N LEU A 233 35.27 -7.15 -0.16
CA LEU A 233 35.62 -5.75 0.09
C LEU A 233 36.27 -5.12 -1.13
N GLN A 234 37.16 -5.86 -1.80
CA GLN A 234 37.78 -5.33 -3.01
C GLN A 234 36.78 -5.22 -4.14
N GLU A 235 35.72 -6.02 -4.12
CA GLU A 235 34.69 -5.94 -5.14
C GLU A 235 33.86 -4.68 -4.97
N ILE A 236 33.60 -4.27 -3.73
CA ILE A 236 32.83 -3.06 -3.49
C ILE A 236 33.68 -1.83 -3.77
N LYS A 237 34.96 -1.87 -3.41
CA LYS A 237 35.84 -0.71 -3.58
C LYS A 237 36.14 -0.42 -5.05
N LYS A 238 36.07 -1.43 -5.90
CA LYS A 238 36.35 -1.23 -7.32
C LYS A 238 35.13 -0.73 -8.07
N ASN A 239 33.97 -1.34 -7.82
CA ASN A 239 32.74 -0.99 -8.51
C ASN A 239 32.00 0.12 -7.77
N GLN A 240 30.85 0.51 -8.31
CA GLN A 240 29.94 1.40 -7.61
C GLN A 240 28.66 0.70 -7.21
N VAL A 241 28.00 0.06 -8.16
CA VAL A 241 26.80 -0.71 -7.91
C VAL A 241 27.18 -2.17 -7.94
N LEU A 242 26.87 -2.88 -6.86
CA LEU A 242 27.15 -4.30 -6.78
C LEU A 242 25.87 -5.01 -6.40
N ILE A 243 25.63 -6.19 -6.95
CA ILE A 243 24.42 -6.96 -6.67
C ILE A 243 24.82 -8.26 -6.01
N ILE A 244 24.24 -8.55 -4.86
CA ILE A 244 24.52 -9.76 -4.11
C ILE A 244 23.38 -10.74 -4.36
N MET A 245 23.71 -11.91 -4.86
CA MET A 245 22.74 -12.97 -5.07
C MET A 245 22.94 -13.97 -3.93
N GLY A 246 22.05 -13.93 -2.95
CA GLY A 246 22.17 -14.79 -1.80
C GLY A 246 20.84 -15.43 -1.45
N GLU A 247 20.92 -16.58 -0.81
CA GLU A 247 19.73 -17.23 -0.28
C GLU A 247 19.29 -16.56 0.99
N THR A 248 18.12 -16.96 1.47
CA THR A 248 17.65 -16.48 2.77
C THR A 248 18.45 -17.13 3.88
N GLY A 249 18.86 -16.35 4.87
CA GLY A 249 19.66 -16.85 5.95
C GLY A 249 21.15 -16.88 5.68
N SER A 250 21.59 -16.26 4.59
CA SER A 250 23.01 -16.25 4.26
C SER A 250 23.79 -15.33 5.19
N GLY A 251 23.12 -14.35 5.79
CA GLY A 251 23.80 -13.38 6.61
C GLY A 251 24.15 -12.10 5.89
N LYS A 252 23.63 -11.89 4.69
CA LYS A 252 23.94 -10.69 3.94
C LYS A 252 23.27 -9.46 4.53
N THR A 253 22.18 -9.65 5.26
CA THR A 253 21.52 -8.52 5.93
C THR A 253 22.34 -8.02 7.10
N THR A 254 22.66 -8.91 8.04
CA THR A 254 23.25 -8.49 9.30
C THR A 254 24.72 -8.16 9.16
N GLN A 255 25.49 -9.07 8.58
CA GLN A 255 26.94 -9.01 8.70
C GLN A 255 27.57 -7.99 7.76
N LEU A 256 26.91 -7.71 6.63
CA LEU A 256 27.50 -6.84 5.61
C LEU A 256 27.77 -5.40 6.06
N PRO A 257 26.84 -4.64 6.66
CA PRO A 257 27.21 -3.27 7.03
C PRO A 257 28.13 -3.20 8.23
N GLN A 258 28.28 -4.31 8.96
CA GLN A 258 29.24 -4.37 10.06
C GLN A 258 30.67 -4.30 9.54
N TYR A 259 30.92 -4.93 8.39
CA TYR A 259 32.28 -5.07 7.87
C TYR A 259 32.82 -3.75 7.36
N LEU A 260 31.92 -2.85 6.95
CA LEU A 260 32.35 -1.52 6.52
C LEU A 260 32.78 -0.68 7.71
N VAL A 261 32.12 -0.82 8.86
CA VAL A 261 32.51 -0.09 10.05
C VAL A 261 33.85 -0.58 10.57
N GLU A 262 34.06 -1.91 10.51
CA GLU A 262 35.34 -2.49 10.92
C GLU A 262 36.46 -2.07 9.98
N ASP A 263 36.17 -1.90 8.69
CA ASP A 263 37.14 -1.39 7.74
C ASP A 263 37.37 0.11 7.88
N GLY A 264 36.45 0.81 8.55
CA GLY A 264 36.55 2.26 8.65
C GLY A 264 35.94 2.98 7.47
N PHE A 265 34.92 2.38 6.85
CA PHE A 265 34.26 3.00 5.70
C PHE A 265 33.81 4.44 5.95
N THR A 266 32.96 4.64 6.94
CA THR A 266 32.50 5.98 7.27
C THR A 266 33.67 6.87 7.73
N ASP A 267 34.53 6.30 8.57
CA ASP A 267 35.72 6.96 9.11
C ASP A 267 35.44 8.29 9.82
N GLN A 268 36.28 9.27 9.52
CA GLN A 268 36.18 10.62 10.08
C GLN A 268 34.90 11.32 9.64
N GLY A 269 34.52 11.05 8.39
CA GLY A 269 33.34 11.64 7.78
C GLY A 269 32.00 11.54 8.47
N LYS A 270 31.19 12.57 8.25
CA LYS A 270 29.83 12.68 8.79
C LYS A 270 28.87 11.63 8.26
N LEU A 271 29.03 11.24 7.00
CA LEU A 271 28.13 10.30 6.35
C LEU A 271 28.02 8.94 7.04
N GLN A 272 26.80 8.41 7.05
CA GLN A 272 26.49 7.14 7.68
C GLN A 272 25.75 6.19 6.74
N ILE A 273 25.86 4.89 7.03
CA ILE A 273 25.23 3.86 6.21
C ILE A 273 23.74 3.65 6.48
N ALA A 274 22.98 3.45 5.42
CA ALA A 274 21.55 3.19 5.50
C ALA A 274 21.24 1.82 4.93
N ILE A 275 20.45 1.05 5.65
CA ILE A 275 20.06 -0.29 5.24
C ILE A 275 18.55 -0.31 5.14
N THR A 276 18.04 -0.56 3.95
CA THR A 276 16.63 -0.39 3.65
C THR A 276 15.93 -1.74 3.60
N GLN A 277 14.88 -1.91 4.39
CA GLN A 277 14.12 -3.14 4.44
C GLN A 277 12.64 -2.85 4.25
N PRO A 278 11.89 -3.72 3.63
CA PRO A 278 10.48 -3.40 3.35
C PRO A 278 9.55 -3.51 4.55
N ARG A 279 9.87 -4.36 5.53
CA ARG A 279 9.00 -4.59 6.67
C ARG A 279 9.44 -3.72 7.84
N ARG A 280 8.47 -3.05 8.47
CA ARG A 280 8.78 -2.22 9.62
C ARG A 280 9.14 -3.07 10.83
N VAL A 281 8.49 -4.22 10.96
CA VAL A 281 8.74 -5.12 12.07
C VAL A 281 10.14 -5.72 11.96
N ALA A 282 10.58 -6.01 10.73
CA ALA A 282 11.88 -6.61 10.55
C ALA A 282 13.01 -5.61 10.75
N ALA A 283 12.74 -4.32 10.56
CA ALA A 283 13.78 -3.31 10.72
C ALA A 283 14.17 -3.15 12.18
N THR A 284 13.20 -3.25 13.08
CA THR A 284 13.51 -3.14 14.50
C THR A 284 14.19 -4.41 15.00
N SER A 285 13.73 -5.56 14.51
CA SER A 285 14.18 -6.83 15.05
C SER A 285 15.59 -7.17 14.61
N VAL A 286 15.99 -6.72 13.42
CA VAL A 286 17.36 -6.96 12.99
C VAL A 286 18.32 -6.03 13.71
N ALA A 287 17.89 -4.81 14.00
CA ALA A 287 18.75 -3.86 14.69
C ALA A 287 19.00 -4.26 16.15
N ALA A 288 18.16 -5.12 16.71
CA ALA A 288 18.47 -5.69 18.02
C ALA A 288 19.61 -6.69 17.93
N ARG A 289 19.71 -7.42 16.81
CA ARG A 289 20.75 -8.42 16.66
C ARG A 289 22.12 -7.78 16.49
N VAL A 290 22.16 -6.66 15.76
CA VAL A 290 23.43 -5.97 15.53
C VAL A 290 23.86 -5.23 16.80
N ALA A 291 22.89 -4.88 17.65
CA ALA A 291 23.22 -4.39 18.98
C ALA A 291 23.89 -5.48 19.82
N ASP A 292 23.49 -6.74 19.62
CA ASP A 292 24.11 -7.83 20.35
C ASP A 292 25.51 -8.14 19.81
N GLU A 293 25.67 -8.11 18.48
CA GLU A 293 26.93 -8.56 17.91
C GLU A 293 28.02 -7.50 18.05
N MET A 294 27.67 -6.23 17.88
CA MET A 294 28.64 -5.17 18.04
C MET A 294 28.74 -4.72 19.50
N ASN A 295 27.88 -5.26 20.37
CA ASN A 295 27.92 -5.06 21.83
C ASN A 295 27.75 -3.60 22.23
N VAL A 296 26.85 -2.90 21.55
CA VAL A 296 26.49 -1.54 21.91
C VAL A 296 24.97 -1.51 22.09
N VAL A 297 24.50 -0.66 23.00
CA VAL A 297 23.07 -0.59 23.27
C VAL A 297 22.36 0.07 22.10
N LEU A 298 21.12 -0.34 21.86
CA LEU A 298 20.35 0.13 20.72
C LEU A 298 19.99 1.59 20.88
N GLY A 299 20.11 2.35 19.79
CA GLY A 299 19.88 3.78 19.78
C GLY A 299 21.15 4.58 19.59
N LYS A 300 22.29 4.05 20.02
CA LYS A 300 23.58 4.65 19.76
C LYS A 300 24.48 3.60 19.12
N GLU A 301 25.16 4.02 18.04
CA GLU A 301 26.10 3.28 17.16
C GLU A 301 25.41 2.26 16.26
N VAL A 302 24.15 1.93 16.55
CA VAL A 302 23.27 1.07 15.78
C VAL A 302 21.86 1.58 16.04
N GLY A 303 21.16 2.01 15.00
CA GLY A 303 19.86 2.63 15.17
C GLY A 303 18.82 1.95 14.32
N TYR A 304 17.61 2.51 14.35
CA TYR A 304 16.59 2.23 13.37
C TYR A 304 15.65 3.41 13.34
N GLN A 305 15.26 3.82 12.14
CA GLN A 305 14.33 4.93 11.95
C GLN A 305 13.15 4.45 11.15
N ILE A 306 12.01 4.28 11.80
CA ILE A 306 10.83 3.77 11.13
C ILE A 306 9.80 4.87 11.23
N ARG A 307 8.54 4.58 10.89
CA ARG A 307 7.54 5.64 10.75
C ARG A 307 7.19 6.28 12.08
N PHE A 308 7.15 5.50 13.15
CA PHE A 308 6.70 6.02 14.43
C PHE A 308 7.78 6.08 15.50
N GLU A 309 8.73 5.16 15.52
CA GLU A 309 9.66 5.10 16.63
C GLU A 309 11.06 5.35 16.08
N ASP A 310 11.39 6.63 15.94
CA ASP A 310 12.77 7.02 15.67
C ASP A 310 13.62 6.74 16.91
N LYS A 311 14.57 5.83 16.79
CA LYS A 311 15.50 5.55 17.87
C LYS A 311 16.89 5.74 17.29
N THR A 312 17.35 6.98 17.25
CA THR A 312 18.65 7.32 16.71
C THR A 312 19.28 8.43 17.53
N THR A 313 20.60 8.51 17.43
CA THR A 313 21.39 9.65 17.86
C THR A 313 21.90 10.37 16.63
N PRO A 314 21.69 11.68 16.51
CA PRO A 314 22.05 12.37 15.26
C PRO A 314 23.55 12.47 14.99
N ASN A 315 24.43 12.09 15.93
CA ASN A 315 25.86 12.13 15.67
C ASN A 315 26.64 10.89 16.07
N LYS A 316 26.10 10.04 16.93
CA LYS A 316 26.84 8.87 17.38
C LYS A 316 26.32 7.55 16.82
N THR A 317 25.29 7.57 15.99
CA THR A 317 24.73 6.35 15.41
C THR A 317 25.25 6.21 13.99
N VAL A 318 25.92 5.09 13.73
CA VAL A 318 26.61 4.88 12.46
C VAL A 318 25.69 4.27 11.41
N LEU A 319 25.08 3.12 11.69
CA LEU A 319 24.34 2.38 10.69
C LEU A 319 22.88 2.27 11.12
N LYS A 320 21.98 2.77 10.28
CA LYS A 320 20.57 2.90 10.61
C LYS A 320 19.74 2.04 9.69
N TYR A 321 18.86 1.23 10.26
CA TYR A 321 18.14 0.23 9.47
C TYR A 321 16.72 0.71 9.20
N MET A 322 16.61 1.74 8.38
CA MET A 322 15.31 2.32 8.16
C MET A 322 14.51 1.49 7.16
N THR A 323 13.24 1.82 7.00
CA THR A 323 12.41 1.09 6.06
C THR A 323 12.31 1.81 4.73
N ASP A 324 11.61 1.19 3.78
CA ASP A 324 11.70 1.62 2.38
C ASP A 324 10.94 2.91 2.13
N GLY A 325 9.81 3.09 2.80
CA GLY A 325 9.07 4.32 2.67
C GLY A 325 9.75 5.51 3.32
N MET A 326 10.69 5.28 4.23
CA MET A 326 11.39 6.38 4.87
C MET A 326 12.35 7.07 3.91
N LEU A 327 13.13 6.29 3.18
CA LEU A 327 14.21 6.86 2.40
C LEU A 327 13.69 7.58 1.15
N LEU A 328 12.47 7.29 0.70
CA LEU A 328 11.89 8.14 -0.32
C LEU A 328 11.54 9.52 0.22
N ARG A 329 11.18 9.61 1.50
CA ARG A 329 10.77 10.89 2.04
C ARG A 329 11.96 11.82 2.22
N GLU A 330 13.15 11.26 2.37
CA GLU A 330 14.34 12.10 2.48
C GLU A 330 14.75 12.70 1.15
N PHE A 331 14.27 12.16 0.04
CA PHE A 331 14.44 12.85 -1.24
C PHE A 331 13.68 14.15 -1.26
N LEU A 332 12.53 14.21 -0.58
CA LEU A 332 11.61 15.32 -0.70
C LEU A 332 12.23 16.61 -0.16
N THR A 333 13.07 16.49 0.86
CA THR A 333 13.83 17.64 1.34
C THR A 333 15.16 17.77 0.61
N ASP A 334 15.98 16.71 0.64
CA ASP A 334 17.35 16.72 0.16
C ASP A 334 17.54 15.67 -0.92
N SER A 335 17.66 16.10 -2.17
CA SER A 335 17.58 15.16 -3.27
C SER A 335 18.86 14.36 -3.49
N LYS A 336 20.01 14.90 -3.16
CA LYS A 336 21.26 14.24 -3.51
C LYS A 336 21.72 13.22 -2.49
N LEU A 337 21.03 13.12 -1.35
CA LEU A 337 21.40 12.25 -0.22
C LEU A 337 22.82 12.54 0.28
N SER A 338 23.00 13.75 0.79
CA SER A 338 24.33 14.17 1.22
C SER A 338 24.80 13.47 2.50
N LYS A 339 23.91 12.80 3.22
CA LYS A 339 24.28 12.19 4.49
C LYS A 339 24.85 10.78 4.35
N TYR A 340 24.73 10.14 3.21
CA TYR A 340 24.97 8.71 3.10
C TYR A 340 26.14 8.42 2.19
N SER A 341 26.93 7.40 2.55
CA SER A 341 27.98 6.90 1.69
C SER A 341 27.62 5.58 1.03
N CYS A 342 26.82 4.74 1.69
CA CYS A 342 26.56 3.39 1.21
C CYS A 342 25.11 3.02 1.57
N ILE A 343 24.23 3.09 0.60
CA ILE A 343 22.86 2.59 0.77
C ILE A 343 22.83 1.14 0.36
N MET A 344 22.32 0.29 1.23
CA MET A 344 22.08 -1.09 0.88
C MET A 344 20.59 -1.34 0.84
N ILE A 345 20.04 -1.51 -0.35
CA ILE A 345 18.72 -2.10 -0.47
C ILE A 345 18.80 -3.53 0.00
N ASP A 346 17.84 -3.95 0.79
CA ASP A 346 17.71 -5.34 1.18
C ASP A 346 16.33 -5.79 0.77
N GLU A 347 16.22 -7.10 0.50
CA GLU A 347 14.98 -7.76 0.12
C GLU A 347 14.37 -7.11 -1.12
N ALA A 348 15.20 -6.88 -2.13
CA ALA A 348 14.74 -6.15 -3.29
C ALA A 348 13.86 -6.98 -4.20
N HIS A 349 13.80 -8.30 -3.99
CA HIS A 349 12.85 -9.14 -4.71
C HIS A 349 11.43 -9.04 -4.17
N GLU A 350 11.24 -8.40 -3.02
CA GLU A 350 9.89 -8.12 -2.53
C GLU A 350 9.14 -7.23 -3.52
N ARG A 351 9.84 -6.26 -4.09
CA ARG A 351 9.33 -5.32 -5.09
C ARG A 351 8.14 -4.54 -4.56
N THR A 352 8.33 -3.89 -3.42
CA THR A 352 7.34 -2.97 -2.93
C THR A 352 7.33 -1.71 -3.79
N LEU A 353 6.28 -0.89 -3.64
CA LEU A 353 6.17 0.32 -4.44
C LEU A 353 7.26 1.31 -4.10
N ALA A 354 7.65 1.36 -2.83
CA ALA A 354 8.73 2.23 -2.41
C ALA A 354 10.06 1.78 -2.97
N THR A 355 10.23 0.49 -3.22
CA THR A 355 11.52 -0.01 -3.70
C THR A 355 11.71 0.31 -5.18
N ASP A 356 10.67 0.17 -6.01
CA ASP A 356 10.81 0.43 -7.44
C ASP A 356 11.10 1.89 -7.75
N ILE A 357 10.51 2.81 -6.99
CA ILE A 357 10.85 4.21 -7.21
C ILE A 357 12.23 4.52 -6.68
N LEU A 358 12.66 3.81 -5.65
CA LEU A 358 13.92 4.15 -5.00
C LEU A 358 15.10 3.74 -5.87
N ILE A 359 15.02 2.58 -6.50
CA ILE A 359 16.03 2.20 -7.49
C ILE A 359 15.81 2.92 -8.80
N GLY A 360 14.63 3.48 -9.03
CA GLY A 360 14.43 4.30 -10.21
C GLY A 360 15.07 5.66 -10.06
N LEU A 361 15.05 6.22 -8.84
CA LEU A 361 15.65 7.51 -8.61
C LEU A 361 17.14 7.40 -8.36
N LEU A 362 17.59 6.31 -7.75
CA LEU A 362 19.02 6.16 -7.55
C LEU A 362 19.77 5.81 -8.82
N LYS A 363 19.07 5.50 -9.92
CA LYS A 363 19.78 5.40 -11.18
C LYS A 363 20.17 6.77 -11.71
N ASP A 364 19.38 7.80 -11.41
CA ASP A 364 19.71 9.14 -11.85
C ASP A 364 20.75 9.82 -10.98
N ILE A 365 20.90 9.39 -9.73
CA ILE A 365 21.78 10.08 -8.80
C ILE A 365 23.24 9.63 -8.97
N LEU A 366 23.46 8.43 -9.51
CA LEU A 366 24.83 7.96 -9.73
C LEU A 366 25.72 8.84 -10.62
N PRO A 367 25.23 9.53 -11.67
CA PRO A 367 26.10 10.52 -12.31
C PRO A 367 26.41 11.71 -11.41
N GLN A 368 25.49 12.11 -10.53
CA GLN A 368 25.71 13.31 -9.73
C GLN A 368 26.64 13.04 -8.56
N ARG A 369 26.76 11.78 -8.13
CA ARG A 369 27.68 11.42 -7.06
C ARG A 369 28.46 10.18 -7.46
N PRO A 370 29.76 10.27 -7.72
CA PRO A 370 30.54 9.07 -8.00
C PRO A 370 31.08 8.37 -6.77
N THR A 371 30.94 8.97 -5.59
CA THR A 371 31.50 8.37 -4.39
C THR A 371 30.49 7.56 -3.59
N LEU A 372 29.20 7.73 -3.87
CA LEU A 372 28.18 6.95 -3.21
C LEU A 372 28.25 5.50 -3.66
N LYS A 373 28.19 4.59 -2.71
CA LYS A 373 28.09 3.17 -3.02
C LYS A 373 26.65 2.75 -2.91
N LEU A 374 26.24 1.87 -3.79
CA LEU A 374 24.92 1.26 -3.73
C LEU A 374 25.12 -0.24 -3.64
N LEU A 375 24.28 -0.92 -2.89
CA LEU A 375 24.34 -2.36 -2.80
C LEU A 375 22.94 -2.91 -2.82
N ILE A 376 22.77 -4.10 -3.37
CA ILE A 376 21.47 -4.75 -3.45
C ILE A 376 21.61 -6.20 -3.03
N SER A 377 20.80 -6.63 -2.08
CA SER A 377 20.62 -8.04 -1.80
C SER A 377 19.37 -8.49 -2.52
N SER A 378 19.45 -9.64 -3.20
CA SER A 378 18.35 -10.08 -4.03
C SER A 378 18.22 -11.58 -3.96
N ALA A 379 17.06 -12.07 -4.36
CA ALA A 379 16.89 -13.49 -4.57
C ALA A 379 17.59 -13.91 -5.86
N THR A 380 17.63 -15.21 -6.10
CA THR A 380 18.41 -15.74 -7.22
C THR A 380 17.77 -15.42 -8.56
N MET A 381 16.48 -15.72 -8.71
CA MET A 381 15.84 -15.60 -10.01
C MET A 381 15.58 -14.14 -10.39
N ASN A 382 15.57 -13.23 -9.42
CA ASN A 382 15.29 -11.85 -9.74
C ASN A 382 16.55 -11.04 -10.01
N ALA A 383 17.73 -11.55 -9.63
CA ALA A 383 18.94 -10.74 -9.64
C ALA A 383 19.50 -10.53 -11.03
N LYS A 384 19.10 -11.34 -12.00
CA LYS A 384 19.57 -11.13 -13.36
C LYS A 384 18.99 -9.85 -13.96
N LYS A 385 17.74 -9.55 -13.64
CA LYS A 385 17.06 -8.40 -14.23
C LYS A 385 17.54 -7.08 -13.64
N PHE A 386 18.16 -7.11 -12.46
CA PHE A 386 18.67 -5.88 -11.87
C PHE A 386 19.91 -5.37 -12.57
N SER A 387 20.79 -6.28 -12.99
CA SER A 387 22.09 -5.87 -13.53
C SER A 387 21.93 -5.17 -14.85
N GLU A 388 20.97 -5.61 -15.67
CA GLU A 388 20.71 -4.97 -16.94
C GLU A 388 20.14 -3.57 -16.76
N PHE A 389 19.45 -3.35 -15.65
CA PHE A 389 18.90 -2.02 -15.35
C PHE A 389 20.00 -1.03 -15.02
N PHE A 390 21.01 -1.46 -14.27
CA PHE A 390 22.13 -0.60 -13.91
C PHE A 390 23.25 -0.66 -14.92
N ASP A 391 22.97 -1.10 -16.15
CA ASP A 391 23.94 -1.28 -17.23
C ASP A 391 25.09 -2.21 -16.83
N ASN A 392 24.71 -3.46 -16.51
CA ASN A 392 25.61 -4.60 -16.43
C ASN A 392 26.67 -4.44 -15.34
N CYS A 393 26.21 -4.10 -14.15
CA CYS A 393 27.02 -4.08 -12.95
C CYS A 393 27.14 -5.50 -12.38
N PRO A 394 28.28 -5.83 -11.78
CA PRO A 394 28.58 -7.25 -11.52
C PRO A 394 27.71 -7.86 -10.44
N ILE A 395 27.42 -9.15 -10.60
CA ILE A 395 26.60 -9.89 -9.67
C ILE A 395 27.50 -10.79 -8.84
N PHE A 396 27.52 -10.55 -7.54
CA PHE A 396 28.28 -11.35 -6.60
C PHE A 396 27.38 -12.42 -6.04
N ASN A 397 27.96 -13.53 -5.59
CA ASN A 397 27.17 -14.68 -5.22
C ASN A 397 27.62 -15.23 -3.87
N VAL A 398 26.67 -15.43 -2.96
CA VAL A 398 26.90 -16.13 -1.70
C VAL A 398 25.84 -17.22 -1.57
N PRO A 399 26.16 -18.46 -1.90
CA PRO A 399 25.15 -19.55 -1.82
C PRO A 399 25.08 -20.26 -0.48
N GLY A 400 24.52 -19.60 0.52
CA GLY A 400 24.41 -20.18 1.85
C GLY A 400 23.02 -20.69 2.17
N ARG A 401 22.89 -22.00 2.33
CA ARG A 401 21.59 -22.64 2.54
C ARG A 401 21.69 -23.64 3.69
N ARG A 402 20.68 -23.62 4.55
CA ARG A 402 20.65 -24.45 5.74
C ARG A 402 19.50 -25.42 5.67
N TYR A 403 19.78 -26.70 6.02
CA TYR A 403 18.80 -27.78 6.20
C TYR A 403 17.91 -27.98 4.98
N PRO A 404 18.41 -28.60 3.91
CA PRO A 404 17.62 -28.71 2.68
C PRO A 404 16.34 -29.52 2.87
N VAL A 405 15.37 -29.24 2.01
CA VAL A 405 14.03 -29.78 2.14
C VAL A 405 13.75 -30.72 0.98
N ASP A 406 13.13 -31.85 1.28
CA ASP A 406 12.71 -32.76 0.23
C ASP A 406 11.31 -32.43 -0.25
N ILE A 407 11.15 -32.29 -1.55
CA ILE A 407 9.96 -31.71 -2.17
C ILE A 407 9.13 -32.83 -2.76
N HIS A 408 7.95 -33.06 -2.21
CA HIS A 408 7.08 -34.14 -2.64
C HIS A 408 5.98 -33.57 -3.52
N TYR A 409 5.54 -34.34 -4.51
CA TYR A 409 4.52 -33.91 -5.45
C TYR A 409 3.33 -34.86 -5.44
N THR A 410 2.24 -34.39 -6.02
CA THR A 410 1.16 -35.28 -6.41
C THR A 410 1.40 -35.70 -7.85
N LEU A 411 1.00 -36.93 -8.17
CA LEU A 411 1.30 -37.49 -9.48
C LEU A 411 0.27 -37.14 -10.53
N GLN A 412 -0.90 -36.65 -10.12
CA GLN A 412 -1.99 -36.34 -11.04
C GLN A 412 -2.74 -35.15 -10.45
N PRO A 413 -3.27 -34.25 -11.28
CA PRO A 413 -3.97 -33.08 -10.75
C PRO A 413 -5.23 -33.43 -9.98
N GLU A 414 -5.48 -32.66 -8.93
CA GLU A 414 -6.56 -32.88 -7.98
C GLU A 414 -7.82 -32.12 -8.39
N ALA A 415 -8.93 -32.48 -7.75
CA ALA A 415 -10.21 -31.87 -8.09
C ALA A 415 -10.55 -30.71 -7.16
N ASN A 416 -10.45 -30.92 -5.85
CA ASN A 416 -10.82 -29.91 -4.86
C ASN A 416 -9.74 -29.88 -3.79
N TYR A 417 -8.91 -28.84 -3.80
CA TYR A 417 -7.66 -28.88 -3.07
C TYR A 417 -7.84 -28.75 -1.58
N ILE A 418 -9.00 -28.26 -1.13
CA ILE A 418 -9.24 -28.12 0.30
C ILE A 418 -9.36 -29.49 0.94
N HIS A 419 -10.02 -30.43 0.25
CA HIS A 419 -10.15 -31.79 0.75
C HIS A 419 -8.81 -32.50 0.80
N ALA A 420 -8.02 -32.39 -0.27
CA ALA A 420 -6.71 -33.01 -0.32
C ALA A 420 -5.77 -32.40 0.70
N ALA A 421 -5.97 -31.13 1.06
CA ALA A 421 -5.23 -30.55 2.16
C ALA A 421 -5.61 -31.20 3.48
N ILE A 422 -6.91 -31.41 3.70
CA ILE A 422 -7.37 -32.06 4.93
C ILE A 422 -6.91 -33.51 4.98
N THR A 423 -6.89 -34.16 3.82
CA THR A 423 -6.43 -35.54 3.72
C THR A 423 -4.96 -35.65 4.06
N THR A 424 -4.14 -34.71 3.58
CA THR A 424 -2.70 -34.83 3.71
C THR A 424 -2.24 -34.55 5.14
N ILE A 425 -3.01 -33.77 5.90
CA ILE A 425 -2.68 -33.52 7.30
C ILE A 425 -2.78 -34.81 8.10
N PHE A 426 -3.85 -35.56 7.89
CA PHE A 426 -4.02 -36.85 8.56
C PHE A 426 -2.98 -37.86 8.12
N GLN A 427 -2.52 -37.76 6.86
CA GLN A 427 -1.43 -38.62 6.41
C GLN A 427 -0.15 -38.31 7.17
N ILE A 428 0.05 -37.05 7.55
CA ILE A 428 1.19 -36.71 8.40
C ILE A 428 0.88 -37.02 9.85
N HIS A 429 -0.37 -36.83 10.28
CA HIS A 429 -0.70 -36.92 11.70
C HIS A 429 -0.67 -38.37 12.18
N THR A 430 -1.33 -39.26 11.48
CA THR A 430 -1.54 -40.61 11.99
C THR A 430 -0.27 -41.45 11.96
N THR A 431 0.65 -41.17 11.03
CA THR A 431 1.75 -42.07 10.78
C THR A 431 3.13 -41.52 11.11
N GLN A 432 3.36 -40.22 10.93
CA GLN A 432 4.74 -39.74 10.91
C GLN A 432 5.29 -39.52 12.31
N SER A 433 6.60 -39.27 12.35
CA SER A 433 7.35 -39.11 13.58
C SER A 433 6.97 -37.82 14.29
N LEU A 434 7.20 -37.81 15.60
CA LEU A 434 6.91 -36.69 16.49
C LEU A 434 8.18 -36.28 17.22
N PRO A 435 8.29 -35.00 17.65
CA PRO A 435 7.40 -33.84 17.53
C PRO A 435 7.43 -33.19 16.14
N GLY A 436 6.25 -33.06 15.55
CA GLY A 436 6.14 -32.45 14.24
C GLY A 436 4.94 -31.53 14.13
N ASP A 437 5.13 -30.35 13.55
CA ASP A 437 4.08 -29.38 13.34
C ASP A 437 3.81 -29.21 11.86
N ILE A 438 2.63 -28.69 11.53
CA ILE A 438 2.16 -28.55 10.17
C ILE A 438 1.75 -27.11 9.93
N LEU A 439 2.26 -26.51 8.86
CA LEU A 439 1.86 -25.18 8.40
C LEU A 439 1.28 -25.30 7.01
N VAL A 440 0.02 -24.95 6.85
CA VAL A 440 -0.64 -25.03 5.55
C VAL A 440 -0.85 -23.61 5.05
N PHE A 441 -0.85 -23.43 3.74
CA PHE A 441 -1.02 -22.09 3.14
C PHE A 441 -2.32 -22.01 2.37
N LEU A 442 -3.39 -21.61 3.04
CA LEU A 442 -4.65 -21.34 2.39
C LEU A 442 -4.62 -19.94 1.81
N THR A 443 -5.67 -19.59 1.05
CA THR A 443 -5.66 -18.30 0.37
C THR A 443 -5.96 -17.16 1.33
N GLY A 444 -7.17 -17.13 1.87
CA GLY A 444 -7.60 -16.00 2.66
C GLY A 444 -8.24 -16.39 3.97
N GLN A 445 -9.00 -15.47 4.57
CA GLN A 445 -9.70 -15.76 5.81
C GLN A 445 -10.76 -16.83 5.62
N GLU A 446 -11.54 -16.72 4.55
CA GLU A 446 -12.79 -17.47 4.44
C GLU A 446 -12.52 -18.96 4.22
N GLU A 447 -11.43 -19.30 3.53
CA GLU A 447 -11.06 -20.70 3.38
C GLU A 447 -10.23 -21.23 4.54
N ILE A 448 -9.98 -20.42 5.56
CA ILE A 448 -9.39 -20.96 6.78
C ILE A 448 -10.46 -21.42 7.75
N GLU A 449 -11.53 -20.64 7.89
CA GLU A 449 -12.62 -21.03 8.80
C GLU A 449 -13.36 -22.25 8.30
N ARG A 450 -13.52 -22.40 6.98
CA ARG A 450 -14.13 -23.60 6.44
C ARG A 450 -13.25 -24.82 6.67
N THR A 451 -11.94 -24.62 6.62
CA THR A 451 -11.03 -25.73 6.95
C THR A 451 -10.88 -25.88 8.46
N LYS A 452 -11.10 -24.80 9.22
CA LYS A 452 -11.05 -24.96 10.67
C LYS A 452 -12.25 -25.73 11.18
N THR A 453 -13.43 -25.51 10.60
CA THR A 453 -14.63 -26.18 11.06
C THR A 453 -14.64 -27.65 10.65
N LYS A 454 -14.33 -27.93 9.38
CA LYS A 454 -14.29 -29.31 8.90
C LYS A 454 -13.22 -30.14 9.56
N LEU A 455 -12.19 -29.52 10.12
CA LEU A 455 -11.18 -30.28 10.84
C LEU A 455 -11.65 -30.63 12.24
N GLU A 456 -12.44 -29.74 12.87
CA GLU A 456 -12.87 -29.97 14.24
C GLU A 456 -13.87 -31.12 14.35
N GLU A 457 -14.65 -31.36 13.29
CA GLU A 457 -15.54 -32.51 13.27
C GLU A 457 -14.75 -33.81 13.26
N ILE A 458 -13.82 -33.93 12.31
CA ILE A 458 -13.13 -35.18 12.07
C ILE A 458 -12.12 -35.46 13.18
N MET A 459 -11.70 -34.42 13.90
CA MET A 459 -10.82 -34.65 15.04
C MET A 459 -11.56 -35.30 16.20
N SER A 460 -12.84 -34.96 16.38
CA SER A 460 -13.60 -35.57 17.46
C SER A 460 -14.06 -36.97 17.09
N LYS A 461 -14.42 -37.18 15.81
CA LYS A 461 -14.96 -38.45 15.37
C LYS A 461 -13.91 -39.55 15.37
N LEU A 462 -12.65 -39.20 15.16
CA LEU A 462 -11.57 -40.15 15.32
C LEU A 462 -11.41 -40.54 16.79
N GLY A 463 -10.80 -41.70 17.00
CA GLY A 463 -10.81 -42.34 18.30
C GLY A 463 -9.98 -41.63 19.35
N SER A 464 -10.15 -42.11 20.59
CA SER A 464 -9.49 -41.52 21.74
C SER A 464 -8.00 -41.86 21.81
N ARG A 465 -7.54 -42.80 20.98
CA ARG A 465 -6.14 -43.18 21.03
C ARG A 465 -5.22 -42.17 20.37
N THR A 466 -5.70 -41.47 19.35
CA THR A 466 -4.86 -40.50 18.66
C THR A 466 -4.64 -39.27 19.52
N LYS A 467 -3.44 -38.70 19.42
CA LYS A 467 -3.08 -37.55 20.24
C LYS A 467 -3.81 -36.30 19.78
N GLN A 468 -3.85 -35.31 20.67
CA GLN A 468 -4.64 -34.11 20.47
C GLN A 468 -4.05 -33.25 19.36
N MET A 469 -4.92 -32.72 18.51
CA MET A 469 -4.51 -31.82 17.44
C MET A 469 -5.06 -30.43 17.74
N ILE A 470 -4.21 -29.42 17.59
CA ILE A 470 -4.55 -28.04 17.90
C ILE A 470 -4.60 -27.27 16.60
N ILE A 471 -5.63 -26.44 16.43
CA ILE A 471 -5.76 -25.60 15.24
C ILE A 471 -5.61 -24.16 15.66
N THR A 472 -4.73 -23.43 14.99
CA THR A 472 -4.46 -22.03 15.35
C THR A 472 -4.30 -21.20 14.08
N PRO A 473 -5.37 -20.54 13.63
CA PRO A 473 -5.28 -19.76 12.40
C PRO A 473 -4.53 -18.46 12.57
N ILE A 474 -3.80 -18.07 11.53
CA ILE A 474 -3.11 -16.79 11.46
C ILE A 474 -3.49 -16.10 10.17
N TYR A 475 -3.84 -14.83 10.26
CA TYR A 475 -3.85 -13.92 9.13
C TYR A 475 -3.74 -12.53 9.71
N ALA A 476 -3.70 -11.51 8.85
CA ALA A 476 -3.36 -10.18 9.34
C ALA A 476 -4.47 -9.57 10.17
N ASN A 477 -5.72 -9.76 9.76
CA ASN A 477 -6.84 -9.08 10.41
C ASN A 477 -7.35 -9.79 11.65
N LEU A 478 -6.84 -10.97 11.95
CA LEU A 478 -7.25 -11.67 13.16
C LEU A 478 -6.62 -11.00 14.38
N PRO A 479 -7.35 -10.91 15.51
CA PRO A 479 -6.89 -10.10 16.65
C PRO A 479 -5.60 -10.61 17.29
N GLN A 480 -4.97 -9.71 18.06
CA GLN A 480 -3.65 -9.94 18.61
C GLN A 480 -3.66 -11.02 19.69
N GLU A 481 -4.78 -11.16 20.42
CA GLU A 481 -4.85 -12.13 21.51
C GLU A 481 -4.74 -13.56 21.01
N GLN A 482 -5.24 -13.83 19.80
CA GLN A 482 -5.13 -15.17 19.24
C GLN A 482 -3.85 -15.36 18.43
N GLN A 483 -3.24 -14.28 17.93
CA GLN A 483 -2.00 -14.42 17.19
C GLN A 483 -0.82 -14.73 18.09
N LEU A 484 -0.96 -14.53 19.40
CA LEU A 484 0.09 -14.93 20.32
C LEU A 484 0.07 -16.42 20.63
N LYS A 485 -0.95 -17.15 20.17
CA LYS A 485 -1.09 -18.54 20.54
C LYS A 485 -0.17 -19.46 19.76
N ILE A 486 0.35 -19.02 18.60
CA ILE A 486 1.32 -19.83 17.88
C ILE A 486 2.67 -19.82 18.59
N PHE A 487 3.01 -18.74 19.26
CA PHE A 487 4.34 -18.60 19.84
C PHE A 487 4.49 -19.40 21.11
N GLN A 488 3.37 -19.75 21.74
CA GLN A 488 3.40 -20.63 22.90
C GLN A 488 3.89 -22.00 22.46
N PRO A 489 4.90 -22.57 23.13
CA PRO A 489 5.31 -23.94 22.81
C PRO A 489 4.21 -24.92 23.18
N THR A 490 3.87 -25.77 22.23
CA THR A 490 2.89 -26.80 22.49
C THR A 490 3.49 -27.84 23.45
N PRO A 491 2.70 -28.36 24.38
CA PRO A 491 3.22 -29.35 25.33
C PRO A 491 3.35 -30.72 24.67
N GLU A 492 3.71 -31.70 25.49
CA GLU A 492 3.90 -33.05 24.99
C GLU A 492 2.56 -33.68 24.63
N ASN A 493 2.65 -34.77 23.84
CA ASN A 493 1.53 -35.65 23.49
C ASN A 493 0.43 -34.93 22.71
N CYS A 494 0.78 -33.86 22.01
CA CYS A 494 -0.19 -33.14 21.20
C CYS A 494 0.53 -32.45 20.07
N ARG A 495 -0.20 -32.26 18.97
CA ARG A 495 0.35 -31.76 17.72
C ARG A 495 -0.29 -30.43 17.37
N LYS A 496 0.53 -29.47 16.96
CA LYS A 496 0.07 -28.15 16.57
C LYS A 496 -0.01 -28.05 15.05
N VAL A 497 -1.20 -27.77 14.54
CA VAL A 497 -1.42 -27.49 13.13
C VAL A 497 -1.80 -26.03 13.00
N VAL A 498 -1.08 -25.31 12.14
CA VAL A 498 -1.27 -23.88 11.94
C VAL A 498 -1.77 -23.66 10.54
N LEU A 499 -2.86 -22.91 10.41
CA LEU A 499 -3.30 -22.46 9.10
C LEU A 499 -2.88 -21.01 8.94
N ALA A 500 -2.50 -20.62 7.72
CA ALA A 500 -1.96 -19.28 7.54
C ALA A 500 -2.18 -18.80 6.11
N THR A 501 -2.24 -17.49 5.95
CA THR A 501 -2.10 -16.85 4.66
C THR A 501 -0.63 -16.46 4.46
N ASN A 502 -0.35 -15.53 3.54
CA ASN A 502 0.98 -15.05 3.22
C ASN A 502 1.78 -14.49 4.39
N ILE A 503 1.16 -14.27 5.56
CA ILE A 503 1.87 -13.75 6.71
C ILE A 503 2.91 -14.73 7.24
N ALA A 504 2.79 -16.01 6.92
CA ALA A 504 3.76 -16.96 7.44
C ALA A 504 5.06 -16.98 6.65
N GLU A 505 5.01 -16.71 5.34
CA GLU A 505 6.17 -16.99 4.51
C GLU A 505 7.28 -15.95 4.62
N THR A 506 6.95 -14.69 4.88
CA THR A 506 7.95 -13.64 4.87
C THR A 506 8.03 -12.90 6.18
N SER A 507 6.89 -12.75 6.87
CA SER A 507 6.82 -11.83 7.98
C SER A 507 7.46 -12.38 9.23
N LEU A 508 7.02 -13.55 9.69
CA LEU A 508 7.34 -13.99 11.04
C LEU A 508 7.77 -15.45 11.03
N THR A 509 8.28 -15.90 12.17
CA THR A 509 8.91 -17.21 12.31
C THR A 509 8.17 -18.02 13.37
N ILE A 510 7.65 -19.17 12.95
CA ILE A 510 7.00 -20.11 13.87
C ILE A 510 8.00 -21.23 14.14
N ASP A 511 8.27 -21.48 15.42
CA ASP A 511 9.23 -22.52 15.78
C ASP A 511 8.58 -23.90 15.70
N GLY A 512 9.35 -24.86 15.21
CA GLY A 512 8.93 -26.25 15.19
C GLY A 512 8.19 -26.70 13.96
N ILE A 513 8.11 -25.86 12.92
CA ILE A 513 7.40 -26.21 11.69
C ILE A 513 8.30 -27.17 10.90
N ARG A 514 7.93 -28.45 10.90
CA ARG A 514 8.63 -29.41 10.07
C ARG A 514 7.98 -29.56 8.70
N TYR A 515 6.64 -29.62 8.67
CA TYR A 515 5.92 -30.05 7.49
C TYR A 515 5.11 -28.88 6.95
N VAL A 516 5.23 -28.61 5.65
CA VAL A 516 4.58 -27.48 5.01
C VAL A 516 3.79 -28.00 3.82
N ILE A 517 2.48 -27.81 3.83
CA ILE A 517 1.62 -28.19 2.72
C ILE A 517 1.28 -26.94 1.93
N ASP A 518 1.45 -27.01 0.62
CA ASP A 518 1.41 -25.83 -0.23
C ASP A 518 0.52 -26.10 -1.44
N PRO A 519 -0.73 -25.65 -1.41
CA PRO A 519 -1.59 -25.82 -2.58
C PRO A 519 -1.20 -24.93 -3.75
N GLY A 520 -0.45 -23.87 -3.51
CA GLY A 520 0.05 -23.10 -4.62
C GLY A 520 -0.85 -21.98 -5.09
N PHE A 521 -1.62 -21.36 -4.20
CA PHE A 521 -2.51 -20.27 -4.55
C PHE A 521 -2.26 -19.06 -3.66
N VAL A 522 -2.19 -17.89 -4.28
CA VAL A 522 -2.15 -16.60 -3.59
C VAL A 522 -3.32 -15.78 -4.06
N LYS A 523 -3.51 -14.65 -3.40
CA LYS A 523 -4.62 -13.75 -3.64
C LYS A 523 -4.05 -12.36 -3.88
N GLU A 524 -4.32 -11.77 -5.04
CA GLU A 524 -3.66 -10.53 -5.40
C GLU A 524 -4.66 -9.52 -5.94
N ASN A 525 -4.32 -8.23 -5.80
CA ASN A 525 -5.21 -7.16 -6.19
C ASN A 525 -4.66 -6.37 -7.36
N SER A 526 -5.46 -6.22 -8.40
CA SER A 526 -5.07 -5.48 -9.59
C SER A 526 -5.97 -4.26 -9.74
N TYR A 527 -5.39 -3.08 -9.57
CA TYR A 527 -6.12 -1.83 -9.76
C TYR A 527 -6.45 -1.66 -11.24
N VAL A 528 -7.74 -1.67 -11.56
CA VAL A 528 -8.22 -1.44 -12.90
C VAL A 528 -8.43 0.07 -13.07
N PRO A 529 -7.56 0.77 -13.80
CA PRO A 529 -7.53 2.23 -13.67
C PRO A 529 -8.59 2.98 -14.45
N SER A 530 -9.31 2.33 -15.36
CA SER A 530 -10.37 3.03 -16.10
C SER A 530 -11.52 3.38 -15.18
N THR A 531 -12.17 2.37 -14.61
CA THR A 531 -13.23 2.61 -13.64
C THR A 531 -12.70 2.97 -12.26
N GLY A 532 -11.41 2.77 -12.02
CA GLY A 532 -10.84 3.14 -10.75
C GLY A 532 -11.12 2.18 -9.64
N MET A 533 -11.23 0.90 -9.94
CA MET A 533 -11.58 -0.08 -8.94
C MET A 533 -10.47 -1.11 -8.80
N THR A 534 -10.18 -1.46 -7.57
CA THR A 534 -9.37 -2.64 -7.33
C THR A 534 -10.23 -3.87 -7.48
N GLN A 535 -9.60 -4.97 -7.86
CA GLN A 535 -10.27 -6.27 -7.91
C GLN A 535 -9.33 -7.27 -7.28
N LEU A 536 -9.87 -8.15 -6.46
CA LEU A 536 -9.06 -9.05 -5.67
C LEU A 536 -9.47 -10.48 -6.00
N LEU A 537 -8.63 -11.19 -6.73
CA LEU A 537 -8.97 -12.50 -7.26
C LEU A 537 -7.95 -13.52 -6.78
N THR A 538 -8.25 -14.79 -7.00
CA THR A 538 -7.33 -15.87 -6.67
C THR A 538 -6.59 -16.25 -7.94
N VAL A 539 -5.27 -16.34 -7.85
CA VAL A 539 -4.45 -16.66 -9.01
C VAL A 539 -3.51 -17.80 -8.63
N PRO A 540 -2.96 -18.50 -9.62
CA PRO A 540 -1.86 -19.42 -9.33
C PRO A 540 -0.57 -18.66 -9.09
N CYS A 541 0.10 -18.97 -8.00
CA CYS A 541 1.27 -18.20 -7.63
C CYS A 541 2.47 -18.58 -8.50
N SER A 542 3.43 -17.66 -8.57
CA SER A 542 4.61 -17.85 -9.41
C SER A 542 5.60 -18.81 -8.76
N ARG A 543 6.61 -19.20 -9.55
CA ARG A 543 7.64 -20.12 -9.06
C ARG A 543 8.52 -19.48 -8.01
N ALA A 544 8.61 -18.15 -7.98
CA ALA A 544 9.40 -17.49 -6.97
C ALA A 544 8.77 -17.64 -5.60
N SER A 545 7.44 -17.51 -5.52
CA SER A 545 6.79 -17.59 -4.22
C SER A 545 6.63 -19.03 -3.73
N VAL A 546 6.65 -20.00 -4.63
CA VAL A 546 6.59 -21.41 -4.21
C VAL A 546 7.87 -21.79 -3.49
N ASP A 547 9.01 -21.37 -4.04
CA ASP A 547 10.30 -21.70 -3.44
C ASP A 547 10.52 -20.96 -2.13
N GLN A 548 9.84 -19.82 -1.95
CA GLN A 548 9.85 -19.17 -0.64
C GLN A 548 9.01 -19.95 0.36
N ARG A 549 7.96 -20.62 -0.12
CA ARG A 549 7.09 -21.37 0.77
C ARG A 549 7.75 -22.65 1.25
N ALA A 550 8.56 -23.28 0.40
CA ALA A 550 9.25 -24.50 0.81
C ALA A 550 10.35 -24.21 1.81
N GLY A 551 10.94 -23.01 1.76
CA GLY A 551 12.02 -22.66 2.65
C GLY A 551 11.60 -22.47 4.09
N ARG A 552 10.30 -22.33 4.36
CA ARG A 552 9.82 -22.23 5.72
C ARG A 552 9.87 -23.56 6.44
N ALA A 553 10.00 -24.66 5.70
CA ALA A 553 10.10 -25.98 6.31
C ALA A 553 11.43 -26.15 7.01
N GLY A 554 12.52 -25.97 6.28
CA GLY A 554 13.84 -26.15 6.85
C GLY A 554 14.29 -24.98 7.68
N ARG A 555 13.59 -24.72 8.79
CA ARG A 555 13.98 -23.63 9.67
C ARG A 555 14.80 -24.13 10.85
N VAL A 556 14.46 -25.30 11.38
CA VAL A 556 15.15 -25.90 12.50
C VAL A 556 15.96 -27.13 12.07
N GLY A 557 15.29 -28.09 11.45
CA GLY A 557 15.93 -29.29 10.97
C GLY A 557 15.46 -29.58 9.56
N PRO A 558 15.79 -30.77 9.06
CA PRO A 558 15.29 -31.18 7.73
C PRO A 558 13.78 -31.34 7.76
N GLY A 559 13.12 -30.82 6.74
CA GLY A 559 11.68 -30.77 6.72
C GLY A 559 11.11 -31.16 5.37
N LYS A 560 9.91 -31.71 5.40
CA LYS A 560 9.18 -32.07 4.19
C LYS A 560 8.35 -30.89 3.69
N CYS A 561 8.15 -30.85 2.38
CA CYS A 561 7.27 -29.88 1.75
C CYS A 561 6.37 -30.60 0.77
N PHE A 562 5.07 -30.50 0.97
CA PHE A 562 4.09 -31.21 0.16
C PHE A 562 3.38 -30.21 -0.73
N ARG A 563 3.39 -30.45 -2.03
CA ARG A 563 2.83 -29.50 -2.98
C ARG A 563 1.69 -30.18 -3.74
N ILE A 564 0.51 -29.58 -3.71
CA ILE A 564 -0.68 -30.26 -4.24
C ILE A 564 -0.81 -29.83 -5.70
N PHE A 565 0.07 -30.39 -6.53
CA PHE A 565 0.16 -30.21 -7.99
C PHE A 565 1.31 -31.08 -8.51
N THR A 566 1.39 -31.18 -9.83
CA THR A 566 2.33 -32.06 -10.50
C THR A 566 3.58 -31.34 -10.97
N LYS A 567 4.63 -32.13 -11.23
CA LYS A 567 5.89 -31.57 -11.72
C LYS A 567 5.76 -31.06 -13.15
N TRP A 568 4.85 -31.63 -13.94
CA TRP A 568 4.63 -31.06 -15.27
C TRP A 568 3.97 -29.69 -15.19
N SER A 569 3.00 -29.53 -14.30
CA SER A 569 2.30 -28.25 -14.17
C SER A 569 3.18 -27.20 -13.52
N TYR A 570 4.06 -27.61 -12.61
CA TYR A 570 4.96 -26.68 -11.94
C TYR A 570 5.98 -26.08 -12.88
N LEU A 571 6.35 -26.78 -13.94
CA LEU A 571 7.29 -26.19 -14.89
C LEU A 571 6.59 -25.36 -15.94
N HIS A 572 5.46 -25.85 -16.47
CA HIS A 572 4.92 -25.30 -17.70
C HIS A 572 3.71 -24.40 -17.50
N GLU A 573 3.02 -24.50 -16.37
CA GLU A 573 1.87 -23.64 -16.16
C GLU A 573 2.22 -22.40 -15.34
N LEU A 574 3.01 -22.56 -14.27
CA LEU A 574 3.30 -21.44 -13.39
C LEU A 574 4.32 -20.49 -14.02
N GLU A 575 4.38 -19.28 -13.48
CA GLU A 575 5.22 -18.22 -14.02
C GLU A 575 6.47 -18.03 -13.16
N LEU A 576 7.42 -17.28 -13.69
CA LEU A 576 8.66 -17.04 -12.95
C LEU A 576 8.50 -15.93 -11.92
N MET A 577 8.22 -14.71 -12.38
CA MET A 577 8.07 -13.55 -11.51
C MET A 577 6.59 -13.23 -11.35
N PRO A 578 6.11 -13.01 -10.12
CA PRO A 578 4.66 -12.87 -9.91
C PRO A 578 4.01 -11.68 -10.59
N LYS A 579 4.28 -10.48 -10.10
CA LYS A 579 3.74 -9.20 -10.56
C LYS A 579 4.57 -8.10 -9.93
N PRO A 580 5.09 -7.16 -10.71
CA PRO A 580 5.67 -5.97 -10.12
C PRO A 580 4.55 -5.11 -9.55
N GLU A 581 4.76 -4.61 -8.34
CA GLU A 581 3.68 -3.99 -7.61
C GLU A 581 3.33 -2.60 -8.13
N ILE A 582 4.23 -1.98 -8.89
CA ILE A 582 3.93 -0.67 -9.45
C ILE A 582 2.98 -0.79 -10.63
N THR A 583 2.98 -1.92 -11.33
CA THR A 583 1.96 -2.11 -12.37
C THR A 583 0.60 -2.41 -11.76
N ARG A 584 0.57 -2.95 -10.55
CA ARG A 584 -0.71 -3.21 -9.91
C ARG A 584 -1.32 -1.94 -9.32
N THR A 585 -0.71 -1.39 -8.27
CA THR A 585 -1.41 -0.50 -7.36
C THR A 585 -1.65 0.90 -7.95
N ASN A 586 -2.26 1.76 -7.15
CA ASN A 586 -2.61 3.11 -7.58
C ASN A 586 -1.37 3.99 -7.58
N LEU A 587 -1.29 4.86 -8.58
CA LEU A 587 -0.11 5.69 -8.75
C LEU A 587 -0.39 7.16 -8.49
N SER A 588 -1.46 7.50 -7.77
CA SER A 588 -1.80 8.91 -7.61
C SER A 588 -0.92 9.59 -6.59
N ASN A 589 -0.29 8.83 -5.71
CA ASN A 589 0.55 9.41 -4.68
C ASN A 589 1.95 9.65 -5.21
N THR A 590 2.46 8.77 -6.06
CA THR A 590 3.86 8.87 -6.41
C THR A 590 4.12 9.80 -7.56
N VAL A 591 3.13 10.04 -8.42
CA VAL A 591 3.26 11.07 -9.46
C VAL A 591 3.52 12.42 -8.83
N LEU A 592 2.86 12.71 -7.73
CA LEU A 592 3.13 13.95 -7.01
C LEU A 592 4.48 13.90 -6.32
N LEU A 593 4.95 12.72 -5.93
CA LEU A 593 6.32 12.63 -5.42
C LEU A 593 7.32 12.86 -6.53
N LEU A 594 7.06 12.31 -7.73
CA LEU A 594 8.00 12.50 -8.82
C LEU A 594 7.99 13.93 -9.33
N LEU A 595 6.81 14.53 -9.44
CA LEU A 595 6.73 15.87 -10.00
C LEU A 595 7.34 16.90 -9.08
N SER A 596 7.35 16.65 -7.78
CA SER A 596 7.98 17.60 -6.89
C SER A 596 9.49 17.45 -6.88
N LEU A 597 10.00 16.31 -7.32
CA LEU A 597 11.44 16.11 -7.49
C LEU A 597 11.92 16.52 -8.86
N GLY A 598 11.14 17.31 -9.58
CA GLY A 598 11.56 17.85 -10.86
C GLY A 598 11.71 16.83 -11.98
N VAL A 599 10.80 15.87 -12.07
CA VAL A 599 10.78 14.95 -13.19
C VAL A 599 9.73 15.43 -14.17
N THR A 600 10.17 16.02 -15.26
CA THR A 600 9.24 16.57 -16.24
C THR A 600 8.68 15.50 -17.16
N ASP A 601 9.43 14.42 -17.38
CA ASP A 601 9.08 13.40 -18.35
C ASP A 601 8.89 12.06 -17.66
N LEU A 602 7.65 11.57 -17.66
CA LEU A 602 7.30 10.37 -16.90
C LEU A 602 7.28 9.10 -17.72
N ILE A 603 6.98 9.17 -19.02
CA ILE A 603 7.03 7.97 -19.85
C ILE A 603 8.49 7.54 -20.02
N LYS A 604 9.37 8.49 -20.23
CA LYS A 604 10.79 8.25 -20.46
C LYS A 604 11.56 8.16 -19.14
N PHE A 605 10.86 8.20 -18.00
CA PHE A 605 11.51 8.05 -16.70
C PHE A 605 12.11 6.65 -16.59
N PRO A 606 13.37 6.52 -16.25
CA PRO A 606 14.08 5.23 -16.35
C PRO A 606 13.68 4.25 -15.26
N LEU A 607 12.44 3.79 -15.31
CA LEU A 607 11.90 2.89 -14.32
C LEU A 607 11.97 1.46 -14.85
N MET A 608 11.95 0.51 -13.91
CA MET A 608 12.20 -0.88 -14.31
C MET A 608 11.01 -1.49 -15.03
N ASP A 609 9.82 -1.37 -14.46
CA ASP A 609 8.61 -1.95 -15.04
C ASP A 609 7.60 -0.83 -15.17
N LYS A 610 7.28 -0.46 -16.40
CA LYS A 610 6.51 0.75 -16.65
C LYS A 610 5.06 0.56 -16.21
N PRO A 611 4.46 1.58 -15.58
CA PRO A 611 3.01 1.60 -15.45
C PRO A 611 2.40 1.74 -16.82
N SER A 612 1.21 1.19 -16.98
CA SER A 612 0.50 1.35 -18.23
C SER A 612 0.03 2.79 -18.37
N ILE A 613 -0.20 3.20 -19.61
CA ILE A 613 -0.59 4.60 -19.87
C ILE A 613 -1.95 4.98 -19.30
N PRO A 614 -3.00 4.13 -19.31
CA PRO A 614 -4.20 4.51 -18.55
C PRO A 614 -3.99 4.59 -17.05
N THR A 615 -3.09 3.78 -16.48
CA THR A 615 -2.76 3.91 -15.06
C THR A 615 -2.08 5.24 -14.78
N LEU A 616 -1.28 5.71 -15.72
CA LEU A 616 -0.56 6.96 -15.53
C LEU A 616 -1.37 8.15 -16.01
N ARG A 617 -2.37 7.93 -16.88
CA ARG A 617 -3.24 9.02 -17.25
C ARG A 617 -4.20 9.38 -16.14
N LYS A 618 -4.80 8.36 -15.52
CA LYS A 618 -5.81 8.58 -14.48
C LYS A 618 -5.24 9.27 -13.25
N SER A 619 -3.96 9.06 -12.96
CA SER A 619 -3.35 9.75 -11.84
C SER A 619 -3.04 11.21 -12.18
N LEU A 620 -2.99 11.58 -13.45
CA LEU A 620 -2.77 12.98 -13.78
C LEU A 620 -4.06 13.78 -13.81
N GLU A 621 -5.17 13.19 -14.21
CA GLU A 621 -6.44 13.88 -14.04
C GLU A 621 -6.78 14.04 -12.58
N ASN A 622 -6.46 13.03 -11.78
CA ASN A 622 -6.89 13.01 -10.39
C ASN A 622 -6.11 14.01 -9.55
N LEU A 623 -4.94 14.43 -9.99
CA LEU A 623 -4.26 15.53 -9.32
C LEU A 623 -4.79 16.86 -9.81
N TYR A 624 -5.34 16.90 -11.01
CA TYR A 624 -5.85 18.15 -11.53
C TYR A 624 -7.20 18.51 -10.95
N ILE A 625 -7.99 17.50 -10.59
CA ILE A 625 -9.28 17.76 -9.95
C ILE A 625 -9.09 18.32 -8.56
N LEU A 626 -8.18 17.73 -7.78
CA LEU A 626 -7.96 18.14 -6.41
C LEU A 626 -7.37 19.53 -6.30
N GLY A 627 -6.78 20.05 -7.36
CA GLY A 627 -6.17 21.35 -7.29
C GLY A 627 -4.70 21.33 -7.01
N ALA A 628 -4.06 20.16 -7.02
CA ALA A 628 -2.63 20.11 -6.79
C ALA A 628 -1.85 20.65 -7.99
N LEU A 629 -2.24 20.27 -9.19
CA LEU A 629 -1.58 20.72 -10.40
C LEU A 629 -2.38 21.83 -11.05
N ASN A 630 -1.65 22.86 -11.49
CA ASN A 630 -2.20 23.99 -12.21
C ASN A 630 -2.44 23.55 -13.65
N SER A 631 -3.30 24.27 -14.36
CA SER A 631 -3.64 23.87 -15.72
C SER A 631 -2.46 23.95 -16.68
N LYS A 632 -1.41 24.68 -16.31
CA LYS A 632 -0.18 24.67 -17.06
C LYS A 632 0.74 23.53 -16.66
N GLY A 633 0.42 22.81 -15.61
CA GLY A 633 1.19 21.68 -15.15
C GLY A 633 2.01 21.92 -13.91
N THR A 634 1.97 23.13 -13.35
CA THR A 634 2.80 23.47 -12.21
C THR A 634 2.13 23.00 -10.93
N ILE A 635 2.92 22.47 -9.99
CA ILE A 635 2.39 22.11 -8.68
C ILE A 635 2.02 23.38 -7.92
N THR A 636 0.80 23.44 -7.43
CA THR A 636 0.29 24.66 -6.81
C THR A 636 0.72 24.73 -5.35
N ARG A 637 0.11 25.66 -4.62
CA ARG A 637 0.41 25.80 -3.20
C ARG A 637 -0.15 24.62 -2.41
N LEU A 638 -1.37 24.21 -2.73
CA LEU A 638 -2.00 23.08 -2.09
C LEU A 638 -1.27 21.78 -2.39
N GLY A 639 -0.76 21.65 -3.61
CA GLY A 639 -0.09 20.42 -4.00
C GLY A 639 1.25 20.23 -3.34
N LYS A 640 1.85 21.30 -2.86
CA LYS A 640 3.11 21.14 -2.15
C LYS A 640 2.87 20.59 -0.75
N MET A 641 1.70 20.86 -0.18
CA MET A 641 1.38 20.35 1.15
C MET A 641 1.15 18.86 1.14
N MET A 642 0.56 18.35 0.06
CA MET A 642 0.22 16.93 -0.02
C MET A 642 1.44 16.03 -0.11
N CYS A 643 2.58 16.57 -0.53
CA CYS A 643 3.83 15.82 -0.42
C CYS A 643 4.28 15.70 1.03
N GLU A 644 3.94 16.70 1.85
CA GLU A 644 4.42 16.77 3.22
C GLU A 644 3.67 15.83 4.15
N PHE A 645 2.34 15.77 4.02
CA PHE A 645 1.52 14.95 4.91
C PHE A 645 1.78 13.46 4.70
N PRO A 646 1.80 12.69 5.74
CA PRO A 646 1.92 11.24 5.60
C PRO A 646 0.59 10.55 5.33
N CYS A 647 -0.04 10.91 4.22
CA CYS A 647 -1.28 10.30 3.78
C CYS A 647 -1.38 10.53 2.28
N GLU A 648 -2.48 10.05 1.71
CA GLU A 648 -2.69 10.11 0.28
C GLU A 648 -2.97 11.54 -0.17
N PRO A 649 -2.87 11.82 -1.47
CA PRO A 649 -3.27 13.15 -1.94
C PRO A 649 -4.75 13.40 -1.82
N GLU A 650 -5.58 12.36 -1.73
CA GLU A 650 -6.98 12.61 -1.50
C GLU A 650 -7.22 13.04 -0.07
N PHE A 651 -6.61 12.35 0.89
CA PHE A 651 -6.85 12.61 2.31
C PHE A 651 -6.34 13.96 2.75
N ALA A 652 -5.26 14.45 2.16
CA ALA A 652 -4.71 15.70 2.62
C ALA A 652 -5.44 16.90 2.07
N LYS A 653 -6.41 16.71 1.18
CA LYS A 653 -7.28 17.83 0.83
C LYS A 653 -8.47 17.89 1.76
N VAL A 654 -8.88 16.75 2.31
CA VAL A 654 -9.93 16.74 3.32
C VAL A 654 -9.52 17.54 4.53
N LEU A 655 -8.28 17.41 4.96
CA LEU A 655 -7.77 18.25 6.02
C LEU A 655 -7.61 19.69 5.58
N TYR A 656 -7.46 19.95 4.29
CA TYR A 656 -7.23 21.32 3.89
C TYR A 656 -8.53 22.10 3.76
N THR A 657 -9.58 21.47 3.26
CA THR A 657 -10.88 22.15 3.29
C THR A 657 -11.52 22.09 4.67
N ALA A 658 -11.00 21.28 5.58
CA ALA A 658 -11.48 21.32 6.96
C ALA A 658 -11.02 22.58 7.66
N ALA A 659 -9.97 23.22 7.17
CA ALA A 659 -9.54 24.50 7.73
C ALA A 659 -10.02 25.68 6.91
N THR A 660 -9.67 25.73 5.63
CA THR A 660 -9.73 26.99 4.92
C THR A 660 -11.05 27.22 4.18
N HIS A 661 -11.66 26.19 3.61
CA HIS A 661 -12.76 26.40 2.67
C HIS A 661 -14.00 26.92 3.38
N GLU A 662 -14.65 27.90 2.75
CA GLU A 662 -15.56 28.79 3.47
C GLU A 662 -16.84 28.11 3.93
N GLN A 663 -17.23 27.02 3.28
CA GLN A 663 -18.43 26.29 3.68
C GLN A 663 -18.13 25.12 4.59
N CYS A 664 -16.88 24.90 4.98
CA CYS A 664 -16.53 23.69 5.69
C CYS A 664 -15.55 23.97 6.83
N GLN A 665 -15.55 25.18 7.36
CA GLN A 665 -14.51 25.58 8.30
C GLN A 665 -14.71 24.91 9.66
N GLY A 666 -13.66 24.95 10.46
CA GLY A 666 -13.79 24.64 11.87
C GLY A 666 -13.90 23.18 12.24
N VAL A 667 -14.10 22.28 11.30
CA VAL A 667 -14.35 20.89 11.63
C VAL A 667 -13.09 20.04 11.50
N LEU A 668 -11.91 20.65 11.58
CA LEU A 668 -10.67 19.91 11.42
C LEU A 668 -10.37 19.04 12.62
N GLU A 669 -10.93 19.35 13.77
CA GLU A 669 -10.69 18.54 14.94
C GLU A 669 -11.37 17.19 14.83
N GLU A 670 -12.45 17.12 14.04
CA GLU A 670 -13.11 15.85 13.78
C GLU A 670 -12.56 15.13 12.55
N CYS A 671 -12.11 15.85 11.53
CA CYS A 671 -11.61 15.16 10.34
C CYS A 671 -10.28 14.49 10.59
N LEU A 672 -9.49 14.95 11.54
CA LEU A 672 -8.32 14.20 11.94
C LEU A 672 -8.68 12.89 12.62
N THR A 673 -9.85 12.84 13.23
CA THR A 673 -10.27 11.61 13.91
C THR A 673 -10.71 10.58 12.90
N ILE A 674 -11.51 10.98 11.90
CA ILE A 674 -12.01 10.03 10.91
C ILE A 674 -10.88 9.53 10.01
N VAL A 675 -10.07 10.44 9.47
CA VAL A 675 -8.95 10.09 8.60
C VAL A 675 -7.98 9.15 9.29
N SER A 676 -7.82 9.28 10.59
CA SER A 676 -7.02 8.34 11.34
C SER A 676 -7.70 6.98 11.41
N MET A 677 -9.03 6.95 11.49
CA MET A 677 -9.74 5.69 11.62
C MET A 677 -9.80 4.94 10.30
N LEU A 678 -9.81 5.66 9.18
CA LEU A 678 -9.99 5.02 7.88
C LEU A 678 -8.75 4.27 7.42
N HIS A 679 -7.58 4.55 7.98
CA HIS A 679 -6.42 3.74 7.70
C HIS A 679 -6.50 2.38 8.37
N GLU A 680 -7.35 2.23 9.39
CA GLU A 680 -7.39 1.00 10.16
C GLU A 680 -8.78 0.38 10.19
N THR A 681 -9.60 0.61 9.17
CA THR A 681 -10.92 -0.03 9.16
C THR A 681 -11.00 -1.54 9.02
N PRO A 682 -10.02 -2.29 8.43
CA PRO A 682 -10.16 -3.75 8.51
C PRO A 682 -10.08 -4.29 9.91
N SER A 683 -9.07 -3.86 10.66
CA SER A 683 -8.73 -4.52 11.90
C SER A 683 -9.29 -3.83 13.13
N LEU A 684 -10.41 -3.12 13.01
CA LEU A 684 -11.03 -2.57 14.21
C LEU A 684 -11.78 -3.63 14.99
N PHE A 685 -12.85 -4.16 14.41
CA PHE A 685 -13.87 -4.84 15.19
C PHE A 685 -13.57 -6.32 15.31
N ILE A 686 -13.77 -6.85 16.51
CA ILE A 686 -13.67 -8.28 16.76
C ILE A 686 -14.99 -8.90 16.31
N GLY A 687 -14.94 -9.69 15.26
CA GLY A 687 -16.17 -10.29 14.77
C GLY A 687 -16.97 -9.34 13.89
N GLN A 688 -18.28 -9.42 14.01
CA GLN A 688 -19.17 -8.69 13.13
C GLN A 688 -19.29 -7.24 13.61
N LYS A 689 -19.47 -6.33 12.64
CA LYS A 689 -19.46 -4.91 12.94
C LYS A 689 -20.73 -4.46 13.66
N ARG A 690 -21.90 -4.86 13.17
CA ARG A 690 -23.15 -4.32 13.69
C ARG A 690 -23.41 -4.75 15.13
N ASP A 691 -22.86 -5.88 15.55
CA ASP A 691 -22.95 -6.28 16.94
C ASP A 691 -22.15 -5.33 17.83
N ALA A 692 -21.00 -4.89 17.35
CA ALA A 692 -20.23 -3.87 18.05
C ALA A 692 -20.68 -2.47 17.72
N ALA A 693 -21.40 -2.28 16.60
CA ALA A 693 -21.87 -0.94 16.26
C ALA A 693 -23.10 -0.56 17.05
N ALA A 694 -23.97 -1.53 17.32
CA ALA A 694 -25.24 -1.23 17.98
C ALA A 694 -25.05 -0.95 19.46
N SER A 695 -24.07 -1.61 20.10
CA SER A 695 -23.83 -1.39 21.52
C SER A 695 -23.23 -0.01 21.79
N VAL A 696 -22.55 0.57 20.81
CA VAL A 696 -21.97 1.90 20.98
C VAL A 696 -23.07 2.96 20.88
N LEU A 697 -23.75 3.02 19.73
CA LEU A 697 -24.88 3.92 19.57
C LEU A 697 -25.76 3.38 18.45
N SER A 698 -26.97 3.92 18.35
CA SER A 698 -27.99 3.34 17.49
C SER A 698 -28.58 4.31 16.48
N GLU A 699 -27.99 5.48 16.30
CA GLU A 699 -28.55 6.46 15.37
C GLU A 699 -27.65 6.75 14.18
N VAL A 700 -26.56 6.00 13.99
CA VAL A 700 -25.64 6.29 12.91
C VAL A 700 -26.28 5.92 11.58
N GLU A 701 -26.18 6.83 10.63
CA GLU A 701 -26.67 6.55 9.30
C GLU A 701 -25.56 6.49 8.27
N SER A 702 -24.32 6.68 8.67
CA SER A 702 -23.22 6.58 7.74
C SER A 702 -22.03 5.93 8.44
N ASP A 703 -21.20 5.30 7.65
CA ASP A 703 -20.12 4.50 8.18
C ASP A 703 -18.93 5.33 8.62
N HIS A 704 -18.95 6.63 8.38
CA HIS A 704 -17.87 7.51 8.82
C HIS A 704 -18.14 8.06 10.22
N ILE A 705 -19.36 8.48 10.50
CA ILE A 705 -19.71 9.10 11.77
C ILE A 705 -19.65 8.11 12.92
N LEU A 706 -19.78 6.81 12.63
CA LEU A 706 -19.48 5.79 13.62
C LEU A 706 -18.03 5.85 14.07
N TYR A 707 -17.11 6.18 13.17
CA TYR A 707 -15.69 6.22 13.52
C TYR A 707 -15.35 7.42 14.37
N LEU A 708 -15.99 8.55 14.11
CA LEU A 708 -15.86 9.71 14.97
C LEU A 708 -16.41 9.43 16.34
N GLU A 709 -17.44 8.59 16.44
CA GLU A 709 -18.08 8.36 17.72
C GLU A 709 -17.38 7.29 18.54
N ILE A 710 -16.79 6.29 17.89
CA ILE A 710 -16.09 5.24 18.63
C ILE A 710 -14.80 5.78 19.23
N PHE A 711 -14.10 6.64 18.52
CA PHE A 711 -12.87 7.19 19.05
C PHE A 711 -13.16 8.22 20.13
N ASN A 712 -14.23 8.99 20.00
CA ASN A 712 -14.53 10.00 21.00
C ASN A 712 -14.98 9.37 22.31
N GLN A 713 -15.63 8.23 22.25
CA GLN A 713 -16.02 7.57 23.48
C GLN A 713 -14.89 6.72 24.03
N TRP A 714 -13.93 6.33 23.20
CA TRP A 714 -12.72 5.70 23.73
C TRP A 714 -11.82 6.73 24.36
N ARG A 715 -11.96 7.99 23.97
CA ARG A 715 -11.12 9.03 24.55
C ARG A 715 -11.65 9.48 25.90
N ASN A 716 -12.97 9.64 26.01
CA ASN A 716 -13.56 10.05 27.28
C ASN A 716 -13.54 8.93 28.30
N SER A 717 -13.22 7.71 27.90
CA SER A 717 -12.86 6.66 28.84
C SER A 717 -11.38 6.64 29.15
N LYS A 718 -10.65 7.70 28.78
CA LYS A 718 -9.23 7.91 29.11
C LYS A 718 -8.34 6.79 28.60
N PHE A 719 -8.68 6.29 27.40
CA PHE A 719 -7.84 5.35 26.63
C PHE A 719 -7.67 4.01 27.36
N SER A 720 -8.78 3.49 27.87
CA SER A 720 -8.76 2.25 28.62
C SER A 720 -8.54 1.04 27.73
N ARG A 721 -7.85 0.03 28.26
CA ARG A 721 -7.84 -1.27 27.62
C ARG A 721 -9.16 -2.00 27.84
N SER A 722 -9.76 -1.82 29.02
CA SER A 722 -10.95 -2.57 29.37
C SER A 722 -12.20 -2.06 28.66
N TRP A 723 -12.17 -0.83 28.13
CA TRP A 723 -13.33 -0.35 27.39
C TRP A 723 -13.45 -1.05 26.05
N CYS A 724 -12.32 -1.37 25.42
CA CYS A 724 -12.34 -1.95 24.09
C CYS A 724 -12.88 -3.37 24.11
N GLN A 725 -12.55 -4.14 25.15
CA GLN A 725 -13.05 -5.49 25.25
C GLN A 725 -14.51 -5.53 25.65
N ASP A 726 -15.05 -4.43 26.17
CA ASP A 726 -16.48 -4.35 26.41
C ASP A 726 -17.25 -4.26 25.11
N HIS A 727 -16.76 -3.48 24.15
CA HIS A 727 -17.47 -3.21 22.92
C HIS A 727 -16.91 -3.96 21.73
N LYS A 728 -16.06 -4.96 21.96
CA LYS A 728 -15.49 -5.84 20.92
C LYS A 728 -14.72 -5.07 19.86
N ILE A 729 -13.74 -4.28 20.32
CA ILE A 729 -12.87 -3.49 19.46
C ILE A 729 -11.44 -3.88 19.79
N GLN A 730 -10.60 -4.07 18.77
CA GLN A 730 -9.23 -4.48 19.02
C GLN A 730 -8.46 -3.35 19.65
N PHE A 731 -7.94 -3.58 20.86
CA PHE A 731 -7.24 -2.53 21.58
C PHE A 731 -5.90 -2.20 20.93
N LYS A 732 -5.25 -3.18 20.32
CA LYS A 732 -3.98 -2.93 19.65
C LYS A 732 -4.16 -2.01 18.45
N THR A 733 -5.29 -2.12 17.76
CA THR A 733 -5.55 -1.26 16.62
C THR A 733 -5.78 0.18 17.06
N MET A 734 -6.53 0.38 18.14
CA MET A 734 -6.81 1.72 18.61
C MET A 734 -5.58 2.43 19.14
N LEU A 735 -4.55 1.69 19.55
CA LEU A 735 -3.26 2.32 19.80
C LEU A 735 -2.66 2.86 18.52
N ARG A 736 -2.84 2.14 17.42
CA ARG A 736 -2.23 2.58 16.18
C ARG A 736 -2.99 3.74 15.57
N VAL A 737 -4.30 3.84 15.84
CA VAL A 737 -5.07 4.98 15.36
C VAL A 737 -4.69 6.24 16.13
N ARG A 738 -4.38 6.08 17.41
CA ARG A 738 -3.97 7.24 18.21
C ARG A 738 -2.62 7.77 17.76
N ASN A 739 -1.71 6.88 17.36
CA ASN A 739 -0.42 7.33 16.88
C ASN A 739 -0.50 8.01 15.53
N ILE A 740 -1.39 7.54 14.66
CA ILE A 740 -1.60 8.20 13.39
C ILE A 740 -2.26 9.55 13.59
N ARG A 741 -3.14 9.67 14.58
CA ARG A 741 -3.83 10.94 14.80
C ARG A 741 -2.86 12.01 15.30
N ASN A 742 -1.95 11.63 16.20
CA ASN A 742 -1.02 12.62 16.74
C ASN A 742 -0.05 13.12 15.69
N GLN A 743 0.38 12.25 14.78
CA GLN A 743 1.32 12.68 13.74
C GLN A 743 0.65 13.59 12.73
N LEU A 744 -0.59 13.30 12.36
CA LEU A 744 -1.32 14.20 11.47
C LEU A 744 -1.59 15.53 12.15
N PHE A 745 -1.64 15.54 13.48
CA PHE A 745 -1.86 16.78 14.21
C PHE A 745 -0.60 17.63 14.29
N ARG A 746 0.58 17.00 14.31
CA ARG A 746 1.81 17.76 14.26
C ARG A 746 1.97 18.47 12.93
N CYS A 747 1.80 17.72 11.84
CA CYS A 747 2.02 18.27 10.51
C CYS A 747 0.96 19.28 10.13
N SER A 748 -0.20 19.26 10.79
CA SER A 748 -1.17 20.31 10.57
C SER A 748 -0.87 21.56 11.39
N GLU A 749 -0.13 21.42 12.49
CA GLU A 749 0.41 22.61 13.15
C GLU A 749 1.49 23.26 12.31
N LYS A 750 2.41 22.43 11.80
CA LYS A 750 3.60 22.92 11.12
C LYS A 750 3.27 23.61 9.80
N VAL A 751 2.23 23.15 9.09
CA VAL A 751 1.77 23.90 7.94
C VAL A 751 1.04 25.16 8.39
N GLY A 752 0.31 25.07 9.48
CA GLY A 752 -0.46 26.18 9.98
C GLY A 752 -1.94 26.04 9.81
N LEU A 753 -2.45 24.83 9.67
CA LEU A 753 -3.89 24.64 9.55
C LEU A 753 -4.59 24.73 10.90
N VAL A 754 -3.87 24.43 11.99
CA VAL A 754 -4.49 24.45 13.30
C VAL A 754 -4.83 25.88 13.71
N GLU A 755 -4.01 26.84 13.31
CA GLU A 755 -4.25 28.23 13.69
C GLU A 755 -5.44 28.81 12.95
N LYS A 756 -5.60 28.47 11.68
CA LYS A 756 -6.77 28.94 10.94
C LYS A 756 -8.00 28.12 11.28
N ASN A 757 -7.81 26.93 11.84
CA ASN A 757 -8.93 26.15 12.36
C ASN A 757 -9.59 26.84 13.54
N ASP A 758 -8.80 27.20 14.55
CA ASP A 758 -9.34 27.63 15.84
C ASP A 758 -10.03 28.97 15.77
N GLN A 759 -9.71 29.78 14.76
CA GLN A 759 -10.45 31.03 14.56
C GLN A 759 -11.89 30.75 14.20
N ALA A 760 -12.12 29.80 13.31
CA ALA A 760 -13.45 29.57 12.77
C ALA A 760 -14.40 28.90 13.76
N ARG A 761 -13.92 28.43 14.90
CA ARG A 761 -14.83 27.98 15.94
C ARG A 761 -15.16 29.10 16.93
N MET A 762 -14.17 29.93 17.26
CA MET A 762 -14.43 31.03 18.17
C MET A 762 -15.19 32.16 17.47
N LYS A 763 -14.76 32.52 16.26
CA LYS A 763 -15.40 33.63 15.57
C LYS A 763 -16.77 33.24 15.03
N ILE A 764 -16.97 31.99 14.68
CA ILE A 764 -18.28 31.47 14.31
C ILE A 764 -18.55 30.28 15.21
N GLY A 765 -19.49 30.45 16.14
CA GLY A 765 -19.88 29.35 16.99
C GLY A 765 -20.81 28.39 16.30
N ASN A 766 -20.38 27.15 16.11
CA ASN A 766 -21.21 26.11 15.50
C ASN A 766 -20.93 24.78 16.19
N ILE A 767 -21.85 24.33 17.04
CA ILE A 767 -21.62 23.09 17.77
C ILE A 767 -22.88 22.24 17.71
N ALA A 768 -23.83 22.65 16.88
CA ALA A 768 -25.10 21.93 16.76
C ALA A 768 -24.96 20.71 15.88
N GLY A 769 -26.08 20.20 15.38
CA GLY A 769 -26.07 19.15 14.37
C GLY A 769 -25.59 19.56 12.99
N TYR A 770 -25.04 20.77 12.82
CA TYR A 770 -24.40 21.18 11.59
C TYR A 770 -22.99 20.63 11.46
N ILE A 771 -22.48 19.97 12.49
CA ILE A 771 -21.14 19.41 12.42
C ILE A 771 -21.10 18.26 11.44
N ASN A 772 -22.08 17.38 11.49
CA ASN A 772 -22.04 16.24 10.59
C ASN A 772 -22.48 16.58 9.17
N ALA A 773 -22.83 17.82 8.90
CA ALA A 773 -23.03 18.25 7.52
C ALA A 773 -21.83 18.97 6.96
N ARG A 774 -20.92 19.42 7.81
CA ARG A 774 -19.68 19.98 7.31
C ARG A 774 -18.63 18.90 7.12
N ILE A 775 -18.69 17.84 7.91
CA ILE A 775 -17.81 16.70 7.71
C ILE A 775 -18.14 15.99 6.41
N THR A 776 -19.42 15.97 6.03
CA THR A 776 -19.79 15.39 4.75
C THR A 776 -19.28 16.23 3.59
N ARG A 777 -19.35 17.55 3.70
CA ARG A 777 -18.85 18.36 2.60
C ARG A 777 -17.33 18.43 2.53
N CYS A 778 -16.60 18.03 3.56
CA CYS A 778 -15.15 17.94 3.42
C CYS A 778 -14.76 16.70 2.64
N PHE A 779 -15.45 15.60 2.85
CA PHE A 779 -15.19 14.35 2.17
C PHE A 779 -15.71 14.31 0.73
N ILE A 780 -16.45 15.30 0.27
CA ILE A 780 -16.73 15.41 -1.16
C ILE A 780 -15.59 16.12 -1.86
N SER A 781 -15.04 17.16 -1.24
CA SER A 781 -13.93 17.87 -1.85
C SER A 781 -12.67 17.03 -1.87
N GLY A 782 -12.56 16.04 -1.02
CA GLY A 782 -11.42 15.17 -1.05
C GLY A 782 -11.54 14.02 -2.02
N PHE A 783 -12.75 13.49 -2.16
CA PHE A 783 -13.03 12.25 -2.87
C PHE A 783 -14.10 12.45 -3.93
N PRO A 784 -13.85 13.25 -4.96
CA PRO A 784 -14.97 13.66 -5.80
C PRO A 784 -15.30 12.68 -6.91
N MET A 785 -14.40 11.75 -7.22
CA MET A 785 -14.70 10.74 -8.22
C MET A 785 -15.44 9.55 -7.66
N ASN A 786 -15.52 9.44 -6.33
CA ASN A 786 -16.04 8.26 -5.67
C ASN A 786 -17.51 8.33 -5.32
N ILE A 787 -18.28 9.13 -5.98
CA ILE A 787 -19.69 9.27 -5.63
C ILE A 787 -20.52 8.41 -6.57
N VAL A 788 -21.49 7.68 -6.01
CA VAL A 788 -22.44 6.91 -6.82
C VAL A 788 -23.79 7.62 -6.81
N GLN A 789 -24.72 7.08 -7.58
CA GLN A 789 -26.08 7.60 -7.66
C GLN A 789 -27.03 6.43 -7.60
N LEU A 790 -28.18 6.61 -6.94
CA LEU A 790 -29.17 5.54 -6.87
C LEU A 790 -29.89 5.41 -8.19
N GLY A 791 -29.88 4.21 -8.75
CA GLY A 791 -30.50 3.96 -10.03
C GLY A 791 -31.45 2.79 -9.94
N PRO A 792 -31.96 2.33 -11.09
CA PRO A 792 -33.00 1.29 -11.06
C PRO A 792 -32.53 -0.06 -10.56
N THR A 793 -31.38 -0.54 -11.02
CA THR A 793 -30.88 -1.82 -10.50
C THR A 793 -30.42 -1.67 -9.06
N GLY A 794 -29.74 -0.57 -8.77
CA GLY A 794 -29.09 -0.36 -7.49
C GLY A 794 -28.34 0.94 -7.54
N TYR A 795 -27.15 0.95 -6.94
CA TYR A 795 -26.28 2.11 -7.04
C TYR A 795 -25.38 1.98 -8.25
N GLN A 796 -25.21 3.07 -8.98
CA GLN A 796 -24.39 3.11 -10.18
C GLN A 796 -23.35 4.22 -10.07
N THR A 797 -22.15 3.98 -10.61
CA THR A 797 -21.06 4.94 -10.49
C THR A 797 -21.32 6.14 -11.38
N MET A 798 -20.99 7.33 -10.88
CA MET A 798 -21.49 8.54 -11.48
C MET A 798 -20.46 9.21 -12.37
N GLY A 799 -19.43 8.47 -12.79
CA GLY A 799 -18.36 9.06 -13.55
C GLY A 799 -18.74 9.36 -14.99
N ARG A 800 -18.03 10.31 -15.59
CA ARG A 800 -18.23 10.65 -16.99
C ARG A 800 -17.53 9.68 -17.93
N SER A 801 -16.39 9.12 -17.54
CA SER A 801 -15.72 8.15 -18.39
C SER A 801 -16.20 6.74 -18.12
N SER A 802 -16.30 6.37 -16.85
CA SER A 802 -16.79 5.06 -16.44
C SER A 802 -18.29 5.13 -16.22
N GLY A 803 -19.02 4.23 -16.86
CA GLY A 803 -20.45 4.16 -16.71
C GLY A 803 -20.84 3.48 -15.42
N GLY A 804 -22.15 3.32 -15.25
CA GLY A 804 -22.68 2.62 -14.11
C GLY A 804 -22.26 1.16 -14.06
N LEU A 805 -21.70 0.75 -12.93
CA LEU A 805 -21.21 -0.61 -12.76
C LEU A 805 -22.09 -1.45 -11.85
N ASN A 806 -23.20 -0.90 -11.35
CA ASN A 806 -24.19 -1.59 -10.53
C ASN A 806 -23.55 -2.20 -9.28
N VAL A 807 -23.09 -1.32 -8.43
CA VAL A 807 -22.33 -1.69 -7.25
C VAL A 807 -23.25 -1.81 -6.05
N SER A 808 -22.84 -2.65 -5.10
CA SER A 808 -23.68 -3.07 -4.01
C SER A 808 -22.94 -2.91 -2.70
N VAL A 809 -23.65 -2.48 -1.66
CA VAL A 809 -23.03 -2.17 -0.38
C VAL A 809 -22.51 -3.45 0.27
N HIS A 810 -21.33 -3.35 0.88
CA HIS A 810 -20.70 -4.52 1.47
C HIS A 810 -21.46 -4.93 2.72
N PRO A 811 -21.47 -6.22 3.06
CA PRO A 811 -22.20 -6.66 4.26
C PRO A 811 -21.69 -6.10 5.58
N THR A 812 -20.52 -5.49 5.63
CA THR A 812 -20.06 -4.96 6.90
C THR A 812 -20.68 -3.62 7.23
N SER A 813 -20.97 -2.81 6.20
CA SER A 813 -21.19 -1.38 6.41
C SER A 813 -22.50 -1.08 7.10
N ILE A 814 -22.58 0.11 7.68
CA ILE A 814 -23.78 0.56 8.37
C ILE A 814 -24.88 0.87 7.39
N LEU A 815 -24.54 1.22 6.15
CA LEU A 815 -25.60 1.35 5.17
C LEU A 815 -26.18 0.02 4.73
N PHE A 816 -25.59 -1.09 5.10
CA PHE A 816 -26.19 -2.37 4.78
C PHE A 816 -27.15 -2.84 5.85
N VAL A 817 -26.87 -2.49 7.11
CA VAL A 817 -27.82 -2.79 8.18
C VAL A 817 -29.08 -1.96 8.03
N ASN A 818 -28.93 -0.67 7.77
CA ASN A 818 -30.09 0.21 7.64
C ASN A 818 -30.90 -0.03 6.39
N HIS A 819 -30.38 -0.76 5.41
CA HIS A 819 -31.17 -1.03 4.22
C HIS A 819 -31.82 -2.40 4.25
N LYS A 820 -31.42 -3.29 5.13
CA LYS A 820 -32.02 -4.61 5.18
C LYS A 820 -32.64 -4.94 6.53
N GLU A 821 -31.92 -4.72 7.63
CA GLU A 821 -32.46 -5.08 8.93
C GLU A 821 -33.53 -4.10 9.37
N LYS A 822 -33.29 -2.80 9.16
CA LYS A 822 -34.36 -1.83 9.18
C LYS A 822 -34.83 -1.67 7.74
N ALA A 823 -35.54 -0.60 7.44
CA ALA A 823 -35.93 -0.34 6.06
C ALA A 823 -35.86 1.14 5.75
N GLN A 824 -34.69 1.74 5.97
CA GLN A 824 -34.48 3.13 5.60
C GLN A 824 -34.54 3.27 4.09
N ARG A 825 -35.20 4.32 3.62
CA ARG A 825 -35.19 4.55 2.18
C ARG A 825 -33.81 5.02 1.76
N PRO A 826 -33.27 4.48 0.67
CA PRO A 826 -31.86 4.70 0.36
C PRO A 826 -31.60 6.12 -0.08
N SER A 827 -30.50 6.67 0.42
CA SER A 827 -30.13 8.03 0.07
C SER A 827 -29.63 8.05 -1.35
N LYS A 828 -29.93 9.15 -2.03
CA LYS A 828 -29.82 9.20 -3.48
C LYS A 828 -28.36 9.20 -3.92
N TYR A 829 -27.45 9.66 -3.07
CA TYR A 829 -26.04 9.62 -3.36
C TYR A 829 -25.31 9.01 -2.18
N VAL A 830 -24.26 8.24 -2.46
CA VAL A 830 -23.43 7.64 -1.44
C VAL A 830 -21.98 7.85 -1.82
N LEU A 831 -21.18 8.35 -0.91
CA LEU A 831 -19.74 8.44 -1.08
C LEU A 831 -19.10 7.18 -0.53
N TYR A 832 -18.23 6.55 -1.30
CA TYR A 832 -17.52 5.40 -0.77
C TYR A 832 -16.05 5.68 -0.68
N GLN A 833 -15.34 4.80 0.02
CA GLN A 833 -13.89 4.94 0.11
C GLN A 833 -13.14 3.95 -0.74
N GLN A 834 -13.76 2.83 -1.13
CA GLN A 834 -13.02 1.77 -1.78
C GLN A 834 -13.95 0.91 -2.61
N LEU A 835 -13.74 0.87 -3.92
CA LEU A 835 -14.56 0.08 -4.85
C LEU A 835 -13.83 -1.21 -5.19
N MET A 836 -14.11 -2.26 -4.42
CA MET A 836 -13.42 -3.53 -4.63
C MET A 836 -14.38 -4.66 -4.98
N LEU A 837 -13.92 -5.60 -5.80
CA LEU A 837 -14.76 -6.71 -6.18
C LEU A 837 -14.12 -8.07 -5.86
N THR A 838 -14.61 -8.71 -4.81
CA THR A 838 -14.13 -10.02 -4.41
C THR A 838 -14.94 -11.00 -5.24
N SER A 839 -16.24 -11.06 -4.95
CA SER A 839 -17.17 -11.88 -5.70
C SER A 839 -18.20 -11.07 -6.47
N LYS A 840 -18.23 -9.75 -6.26
CA LYS A 840 -19.27 -8.88 -6.78
C LYS A 840 -18.74 -7.47 -6.56
N GLU A 841 -19.15 -6.53 -7.41
CA GLU A 841 -18.64 -5.17 -7.28
C GLU A 841 -19.16 -4.54 -6.00
N PHE A 842 -18.34 -4.47 -4.97
CA PHE A 842 -18.78 -3.98 -3.68
C PHE A 842 -18.32 -2.56 -3.43
N ILE A 843 -18.76 -2.02 -2.31
CA ILE A 843 -18.51 -0.66 -1.86
C ILE A 843 -18.26 -0.71 -0.36
N ARG A 844 -17.23 -0.02 0.12
CA ARG A 844 -16.92 -0.04 1.54
C ARG A 844 -16.78 1.36 2.11
N ASP A 845 -17.08 1.49 3.40
CA ASP A 845 -16.94 2.72 4.19
C ASP A 845 -17.77 3.87 3.61
N CYS A 846 -19.08 3.67 3.65
CA CYS A 846 -19.99 4.51 2.90
C CYS A 846 -20.35 5.76 3.68
N LEU A 847 -20.85 6.77 2.98
CA LEU A 847 -21.24 8.02 3.63
C LEU A 847 -22.43 8.61 2.91
N VAL A 848 -23.52 8.79 3.64
CA VAL A 848 -24.75 9.34 3.09
C VAL A 848 -24.60 10.80 2.76
N ILE A 849 -24.89 11.18 1.52
CA ILE A 849 -25.00 12.57 1.13
C ILE A 849 -26.49 12.90 1.01
N PRO A 850 -27.08 13.67 1.92
CA PRO A 850 -28.50 13.96 1.80
C PRO A 850 -28.83 14.96 0.71
N LYS A 851 -28.11 16.06 0.61
CA LYS A 851 -28.46 17.15 -0.27
C LYS A 851 -27.70 17.02 -1.59
N GLU A 852 -28.42 17.15 -2.70
CA GLU A 852 -27.79 17.07 -4.00
C GLU A 852 -26.95 18.29 -4.31
N GLU A 853 -27.31 19.45 -3.76
CA GLU A 853 -26.60 20.67 -4.11
C GLU A 853 -25.26 20.78 -3.42
N TRP A 854 -24.90 19.88 -2.52
CA TRP A 854 -23.54 19.86 -2.00
C TRP A 854 -22.55 19.39 -3.06
N LEU A 855 -23.03 18.65 -4.06
CA LEU A 855 -22.14 18.12 -5.08
C LEU A 855 -21.68 19.23 -6.02
N ILE A 856 -22.59 20.11 -6.43
CA ILE A 856 -22.22 21.19 -7.34
C ILE A 856 -21.37 22.23 -6.64
N ASP A 857 -21.70 22.55 -5.39
CA ASP A 857 -21.02 23.66 -4.72
C ASP A 857 -19.60 23.31 -4.31
N MET A 858 -19.35 22.05 -3.96
CA MET A 858 -18.01 21.69 -3.51
C MET A 858 -17.07 21.38 -4.67
N VAL A 859 -17.50 20.55 -5.61
CA VAL A 859 -16.68 20.28 -6.78
C VAL A 859 -17.48 20.70 -8.01
N PRO A 860 -17.36 21.96 -8.45
CA PRO A 860 -18.03 22.35 -9.69
C PRO A 860 -17.27 21.96 -10.92
N GLN A 861 -16.00 21.59 -10.80
CA GLN A 861 -15.22 21.22 -11.98
C GLN A 861 -15.60 19.87 -12.54
N ILE A 862 -16.40 19.08 -11.83
CA ILE A 862 -16.96 17.84 -12.34
C ILE A 862 -18.47 17.90 -12.39
N PHE A 863 -19.10 18.34 -11.31
CA PHE A 863 -20.52 18.10 -11.11
C PHE A 863 -21.41 19.20 -11.65
N LYS A 864 -20.85 20.30 -12.16
CA LYS A 864 -21.69 21.25 -12.87
C LYS A 864 -22.14 20.68 -14.20
N ASP A 865 -21.43 19.68 -14.71
CA ASP A 865 -21.79 19.02 -15.96
C ASP A 865 -22.74 17.85 -15.73
N LEU A 866 -22.40 16.96 -14.80
CA LEU A 866 -23.07 15.66 -14.73
C LEU A 866 -24.45 15.71 -14.09
N ILE A 867 -24.74 16.72 -13.30
CA ILE A 867 -26.03 16.79 -12.63
C ILE A 867 -27.10 17.38 -13.54
N SER B 2 -25.60 84.11 -72.48
CA SER B 2 -26.69 84.31 -73.45
C SER B 2 -27.39 82.99 -73.77
N LYS B 3 -27.23 82.02 -72.87
CA LYS B 3 -27.74 80.67 -73.07
C LYS B 3 -28.47 80.25 -71.80
N PHE B 4 -29.02 79.04 -71.83
CA PHE B 4 -29.72 78.46 -70.68
C PHE B 4 -28.76 77.52 -69.96
N SER B 5 -28.29 77.94 -68.79
CA SER B 5 -27.34 77.17 -68.01
C SER B 5 -27.74 77.18 -66.55
N LEU B 6 -27.57 76.04 -65.88
CA LEU B 6 -27.93 75.89 -64.49
C LEU B 6 -26.88 75.03 -63.81
N LYS B 7 -26.64 75.31 -62.54
CA LYS B 7 -25.59 74.64 -61.76
C LYS B 7 -26.22 73.65 -60.81
N LEU B 8 -25.67 72.43 -60.77
CA LEU B 8 -26.15 71.35 -59.90
C LEU B 8 -24.99 70.90 -59.03
N GLY B 9 -24.81 71.57 -57.88
CA GLY B 9 -23.77 71.20 -56.94
C GLY B 9 -24.27 70.26 -55.86
N SER B 10 -23.33 69.80 -55.03
CA SER B 10 -23.70 68.93 -53.92
C SER B 10 -24.42 69.70 -52.82
N LYS B 11 -24.07 70.98 -52.63
CA LYS B 11 -24.76 71.80 -51.64
C LYS B 11 -26.15 72.19 -52.11
N THR B 12 -26.37 72.27 -53.43
CA THR B 12 -27.67 72.67 -53.95
C THR B 12 -28.69 71.55 -53.79
N LEU B 13 -28.32 70.32 -54.14
CA LEU B 13 -29.24 69.20 -54.06
C LEU B 13 -29.47 68.78 -52.62
N LYS B 14 -28.40 68.67 -51.83
CA LYS B 14 -28.52 68.25 -50.44
C LYS B 14 -28.68 69.46 -49.52
N LYS B 50 -22.01 35.39 -48.55
CA LYS B 50 -21.43 35.70 -49.85
C LYS B 50 -19.91 35.81 -49.75
N ILE B 51 -19.22 34.80 -50.28
CA ILE B 51 -17.76 34.70 -50.21
C ILE B 51 -17.22 34.79 -51.63
N LYS B 52 -16.31 35.73 -51.87
CA LYS B 52 -15.67 35.86 -53.18
C LYS B 52 -14.54 34.85 -53.31
N ILE B 53 -14.57 34.08 -54.39
CA ILE B 53 -13.57 33.06 -54.67
C ILE B 53 -12.93 33.36 -56.02
N GLN B 54 -11.65 33.01 -56.15
CA GLN B 54 -10.90 33.24 -57.38
C GLN B 54 -10.97 32.04 -58.32
N SER B 55 -10.71 30.85 -57.79
CA SER B 55 -10.74 29.63 -58.59
C SER B 55 -11.19 28.47 -57.71
N ILE B 56 -11.53 27.36 -58.35
CA ILE B 56 -12.01 26.16 -57.68
C ILE B 56 -11.01 25.05 -57.93
N ASP B 57 -10.52 24.44 -56.85
CA ASP B 57 -9.53 23.38 -56.92
C ASP B 57 -10.18 22.02 -56.64
N LYS B 58 -9.40 20.96 -56.84
CA LYS B 58 -9.88 19.60 -56.63
C LYS B 58 -10.03 19.29 -55.15
N LYS B 69 -7.19 22.23 -32.57
CA LYS B 69 -7.55 20.84 -32.83
C LYS B 69 -7.22 19.97 -31.64
N LYS B 70 -5.93 19.77 -31.40
CA LYS B 70 -5.43 18.98 -30.28
C LYS B 70 -4.73 19.92 -29.31
N LEU B 71 -4.81 19.59 -28.02
CA LEU B 71 -4.28 20.44 -26.98
C LEU B 71 -3.04 19.78 -26.41
N VAL B 72 -1.96 20.55 -26.24
CA VAL B 72 -0.66 20.04 -25.83
C VAL B 72 -0.08 20.96 -24.76
N ILE B 73 0.28 20.39 -23.61
CA ILE B 73 0.80 21.13 -22.47
C ILE B 73 2.19 20.58 -22.13
N LYS B 74 3.17 21.46 -22.02
CA LYS B 74 4.53 21.10 -21.64
C LYS B 74 4.87 21.74 -20.30
N LEU B 75 5.69 21.04 -19.53
CA LEU B 75 6.00 21.50 -18.17
C LEU B 75 7.17 22.46 -18.15
N SER B 76 7.17 23.34 -17.17
CA SER B 76 8.30 24.22 -16.94
C SER B 76 9.41 23.48 -16.22
N GLU B 77 10.65 23.72 -16.64
CA GLU B 77 11.80 22.96 -16.18
C GLU B 77 12.75 23.87 -15.43
N ASN B 78 13.10 23.49 -14.20
CA ASN B 78 14.07 24.24 -13.41
C ASN B 78 15.46 23.63 -13.53
N PRO B 87 4.51 33.53 -7.00
CA PRO B 87 5.48 32.44 -7.13
C PRO B 87 4.82 31.09 -6.94
N LEU B 88 3.66 31.11 -6.29
CA LEU B 88 2.85 29.92 -6.05
C LEU B 88 1.41 30.28 -6.38
N VAL B 89 0.59 29.29 -6.70
CA VAL B 89 -0.81 29.57 -7.02
C VAL B 89 -1.73 29.02 -5.94
N GLU B 90 -2.55 29.89 -5.36
CA GLU B 90 -3.48 29.48 -4.31
C GLU B 90 -4.55 28.48 -4.76
N TYR B 91 -5.13 28.71 -5.93
CA TYR B 91 -6.18 27.81 -6.43
C TYR B 91 -6.19 27.73 -7.95
N VAL B 92 -6.76 26.65 -8.47
CA VAL B 92 -6.85 26.45 -9.92
C VAL B 92 -7.69 27.51 -10.61
N THR B 93 -8.80 27.88 -9.96
CA THR B 93 -9.79 28.92 -10.37
C THR B 93 -10.82 28.36 -11.38
N GLU B 94 -12.02 28.94 -11.42
CA GLU B 94 -13.08 28.51 -12.32
C GLU B 94 -12.75 28.66 -13.80
N LYS B 95 -12.08 29.75 -14.14
CA LYS B 95 -11.72 30.04 -15.53
C LYS B 95 -10.80 29.01 -16.16
N GLU B 96 -9.83 28.52 -15.38
CA GLU B 96 -8.87 27.56 -15.90
C GLU B 96 -9.49 26.24 -16.35
N TYR B 97 -10.46 25.72 -15.59
CA TYR B 97 -11.10 24.46 -15.94
C TYR B 97 -11.87 24.56 -17.25
N ASN B 98 -12.42 25.75 -17.50
CA ASN B 98 -13.18 26.01 -18.72
C ASN B 98 -12.32 25.88 -19.97
N GLU B 99 -11.05 26.28 -19.87
CA GLU B 99 -10.15 26.19 -21.02
C GLU B 99 -9.66 24.76 -21.23
N VAL B 100 -9.12 24.16 -20.17
CA VAL B 100 -8.64 22.78 -20.22
C VAL B 100 -9.59 21.93 -19.39
N PRO B 101 -10.47 21.16 -20.01
CA PRO B 101 -11.35 20.28 -19.24
C PRO B 101 -10.58 19.14 -18.58
N VAL B 102 -11.25 18.51 -17.63
CA VAL B 102 -10.63 17.49 -16.80
C VAL B 102 -10.32 16.24 -17.61
N GLU B 103 -11.16 15.91 -18.59
CA GLU B 103 -10.82 14.83 -19.52
C GLU B 103 -9.61 15.17 -20.37
N GLU B 104 -9.46 16.43 -20.73
CA GLU B 104 -8.41 16.83 -21.65
C GLU B 104 -7.03 16.88 -21.00
N PHE B 105 -6.96 17.04 -19.68
CA PHE B 105 -5.66 17.20 -19.02
C PHE B 105 -4.88 15.91 -18.99
N GLY B 106 -5.55 14.77 -18.98
CA GLY B 106 -4.84 13.51 -18.91
C GLY B 106 -4.13 13.16 -20.20
N ASP B 107 -4.79 13.43 -21.33
CA ASP B 107 -4.15 13.21 -22.62
C ASP B 107 -3.08 14.25 -22.90
N ALA B 108 -3.40 15.52 -22.67
CA ALA B 108 -2.55 16.62 -23.12
C ALA B 108 -1.24 16.68 -22.37
N LEU B 109 -1.21 16.20 -21.13
CA LEU B 109 0.04 16.21 -20.41
C LEU B 109 0.95 15.10 -20.91
N LEU B 110 0.37 13.97 -21.33
CA LEU B 110 1.16 12.89 -21.90
C LEU B 110 1.65 13.26 -23.29
N ARG B 111 0.79 13.89 -24.08
CA ARG B 111 1.12 14.23 -25.45
C ARG B 111 2.19 15.31 -25.50
N GLY B 112 2.25 16.16 -24.48
CA GLY B 112 3.38 17.07 -24.36
C GLY B 112 4.66 16.37 -24.00
N MET B 113 4.58 15.19 -23.40
CA MET B 113 5.77 14.43 -23.08
C MET B 113 6.14 13.43 -24.16
N GLY B 114 5.27 13.20 -25.13
CA GLY B 114 5.65 12.35 -26.25
C GLY B 114 4.95 11.01 -26.33
N TRP B 115 3.67 10.97 -25.99
CA TRP B 115 2.96 9.70 -26.00
C TRP B 115 2.55 9.30 -27.41
N GLU B 116 1.80 10.17 -28.08
CA GLU B 116 1.25 9.98 -29.45
C GLU B 116 0.43 8.70 -29.61
N ILE B 141 -12.72 -15.20 -13.57
CA ILE B 141 -12.64 -15.60 -12.18
C ILE B 141 -12.36 -17.11 -12.08
N HIS B 142 -11.34 -17.45 -11.30
CA HIS B 142 -11.01 -18.84 -11.02
C HIS B 142 -12.14 -19.48 -10.23
N PRO B 143 -12.44 -20.77 -10.48
CA PRO B 143 -13.49 -21.45 -9.73
C PRO B 143 -13.13 -21.65 -8.26
N ASP B 144 -14.08 -22.21 -7.53
CA ASP B 144 -13.97 -22.23 -6.08
C ASP B 144 -12.90 -23.19 -5.61
N GLY B 145 -12.90 -24.42 -6.09
CA GLY B 145 -11.82 -25.31 -5.75
C GLY B 145 -11.30 -26.10 -6.94
N LEU B 146 -10.04 -25.90 -7.28
CA LEU B 146 -9.39 -26.68 -8.33
C LEU B 146 -7.93 -26.82 -7.98
N GLY B 147 -7.27 -27.74 -8.67
CA GLY B 147 -5.83 -27.76 -8.69
C GLY B 147 -5.31 -26.80 -9.74
N ILE B 148 -4.00 -26.82 -9.94
CA ILE B 148 -3.43 -25.92 -10.94
C ILE B 148 -3.73 -26.45 -12.34
N GLY B 149 -3.93 -27.76 -12.47
CA GLY B 149 -4.40 -28.35 -13.70
C GLY B 149 -5.91 -28.43 -13.67
N ALA B 150 -6.45 -29.61 -13.37
CA ALA B 150 -7.85 -29.84 -13.01
C ALA B 150 -8.80 -29.43 -14.15
N LYS B 151 -8.68 -30.16 -15.25
CA LYS B 151 -9.58 -29.98 -16.39
C LYS B 151 -11.01 -30.40 -16.06
#